data_6NBI
#
_entry.id   6NBI
#
_cell.length_a   1
_cell.length_b   1
_cell.length_c   1
_cell.angle_alpha   90.00
_cell.angle_beta   90.00
_cell.angle_gamma   90.00
#
_symmetry.space_group_name_H-M   'P 1'
#
loop_
_entity.id
_entity.type
_entity.pdbx_description
1 polymer 'Parathyroid hormone/parathyroid hormone-related peptide receptor'
2 polymer 'Long-acting parathyroid hormone analog'
3 polymer 'Gs protein alpha subunit'
4 polymer 'Guanine nucleotide-binding protein G(I)/G(S)/G(T) subunit beta-1'
5 polymer 'Guanine nucleotide-binding protein G(I)/G(S)/G(O) subunit gamma-2'
6 polymer Nanobody-35
7 non-polymer CHOLESTEROL
#
loop_
_entity_poly.entity_id
_entity_poly.type
_entity_poly.pdbx_seq_one_letter_code
_entity_poly.pdbx_strand_id
1 'polypeptide(L)'
;DADDVMTKEEQIFLLHRAQAQCEKRLKEVLQRPASIMESDKGWTSASTSGKPRKDKASGKLYPESEEDKEAPTGSRYRGR
PCLPEWDHILCWPLGAPGEVVAVPCPDYIYDFNHKGHAYRRCDRNGSWELVPGHNRTWANYSECVKFLTNETREREVFDR
LAMIYTVGYSVSLASLTVAVLILAYFRRLHCTRNYIHMHLFLSFMLRAVSIFVKDAVLYSGATLDEAERLTEEELRAIAQ
APPPPATAAAGYAGCRVAVTFFLYFLATNYYWILVEGLYLHSLIFMAFFSEKKYLWGFTVFGWGLPAVFVAVWVSVRATL
ANTGCWDLSSGNKKWIIQVPILASIVLNFILFINIVRVLATKLRETNAGRCDTRQQYRKLLKSTLVLMPLFGVHYIVFMA
TPYTEVSGTLWQVQMHYEMLFNSFQGFFVAIIYCFCNGEVQAEIKKSWSRWTLALDFKRKARSGSSSYSYGPMVSHEF
;
R
2 'polypeptide(L)' AVAEIQLMHQRAKWIQDARRRAFLHKLIAEIHTAEI P
3 'polypeptide(L)'
;MGCLGNSKTEDQRNEEKAQREANKKIEKQLQKDKQVYRATHRLLLLGAGESGKSTIVKQMRILHVNGYSEEECKQYKAVV
YSNTIQSIIAIIRAMGRLKIDFGDSARADDARQLFVLAGAAEEGFMTAELAGVIKRLWKDSGVQACFNRSREYQLNDSAA
YYLNDLDRIAQPNYIPTQQDVLRTRVKTTGIFETKFQVDKVNFHMFDVGGQRDERRKWIQCFNDVTAIIFVVASSSYNMV
IREDNQTNRLQEALNLFKSIWNNRWLRTISVILFLNKQDLLAEKVLAGKSKIEDYFPEFARYTTPEDATPEPGEDPRVTR
AKYFIRDEFLRISTASGDGRHYCYPHFTCAVDTENIRRVFNDCRDIIQRMHLRQYELL
;
A
4 'polypeptide(L)'
;MGSLLQSELDQLRQEAEQLKNQIRDARKACADATLSQITNNIDPVGRIQMRTRRTLRGHLAKIYAMHWGTDSRLLVSASQ
DGKLIIWDSYTTNKVHAIPLRSSWVMTCAYAPSGNYVACGGLDNICSIYNLKTREGNVRVSRELAGHTGYLSCCRFLDDN
QIVTSSGDTTCALWDIETGQQTTTFTGHTGDVMSLSLAPDTRLFVSGACDASAKLWDVREGMCRQTFTGHESDINAICFF
PNGNAFATGSDDATCRLFDLRADQELMTYSHDNIICGITSVSFSKSGRLLLAGYDDFNCNVWDALKADRAGVLAGHDNRV
SCLGVTDDGMAVATGSWDSFLKIWN
;
B
5 'polypeptide(L)' MASNNTASIAQARKLVEQLKMEANIDRIKVSKAAADLMAYCEAHAKEDPLLTPVPASENPFREKKFFCAIL G
6 'polypeptide(L)'
;QVQLQESGGGLVQPGGSLRLSCAASGFTFSNYKMNWVRQAPGKGLEWVSDISQSGASISYTGSVKGRFTISRDNAKNTLY
LQMNSLKPEDTAVYYCARCPAPFTRDCFDVTSTTYAYRGQGTQVTV
;
N
#
# COMPACT_ATOMS: atom_id res chain seq x y z
N MET A 6 -42.05 0.27 -42.55
CA MET A 6 -40.78 -0.45 -42.79
C MET A 6 -40.94 -1.29 -44.07
N THR A 7 -40.94 -2.61 -43.91
CA THR A 7 -41.13 -3.55 -45.02
C THR A 7 -42.60 -3.53 -45.46
N LYS A 8 -43.50 -3.25 -44.51
CA LYS A 8 -44.94 -3.28 -44.74
C LYS A 8 -45.38 -2.24 -45.77
N GLU A 9 -44.59 -1.19 -45.98
CA GLU A 9 -44.99 -0.15 -46.91
C GLU A 9 -44.65 -0.59 -48.33
N GLU A 10 -43.52 -1.29 -48.46
CA GLU A 10 -43.11 -1.84 -49.75
C GLU A 10 -44.14 -2.88 -50.19
N GLN A 11 -44.63 -3.68 -49.22
CA GLN A 11 -45.61 -4.73 -49.50
C GLN A 11 -46.87 -4.12 -50.10
N ILE A 12 -47.31 -3.00 -49.52
CA ILE A 12 -48.50 -2.27 -49.98
C ILE A 12 -48.22 -1.69 -51.37
N PHE A 13 -47.01 -1.17 -51.57
CA PHE A 13 -46.61 -0.60 -52.86
C PHE A 13 -46.61 -1.67 -53.95
N LEU A 14 -46.14 -2.88 -53.62
CA LEU A 14 -46.15 -3.99 -54.57
C LEU A 14 -47.59 -4.35 -54.94
N LEU A 15 -48.49 -4.33 -53.95
CA LEU A 15 -49.91 -4.61 -54.17
C LEU A 15 -50.52 -3.55 -55.08
N HIS A 16 -50.16 -2.28 -54.86
CA HIS A 16 -50.63 -1.18 -55.71
C HIS A 16 -50.13 -1.35 -57.14
N ARG A 17 -48.85 -1.75 -57.27
CA ARG A 17 -48.24 -1.97 -58.57
C ARG A 17 -48.95 -3.12 -59.28
N ALA A 18 -49.28 -4.19 -58.51
CA ALA A 18 -49.99 -5.35 -59.04
C ALA A 18 -51.37 -4.94 -59.57
N GLN A 19 -52.03 -4.03 -58.86
CA GLN A 19 -53.34 -3.52 -59.27
C GLN A 19 -53.24 -2.81 -60.61
N ALA A 20 -52.18 -2.00 -60.78
CA ALA A 20 -51.93 -1.27 -62.01
C ALA A 20 -51.69 -2.24 -63.17
N GLN A 21 -50.93 -3.31 -62.90
CA GLN A 21 -50.59 -4.32 -63.91
C GLN A 21 -51.85 -5.06 -64.37
N CYS A 22 -52.76 -5.37 -63.44
CA CYS A 22 -54.01 -6.05 -63.79
C CYS A 22 -54.91 -5.13 -64.64
N GLU A 23 -54.88 -3.82 -64.35
CA GLU A 23 -55.68 -2.82 -65.09
C GLU A 23 -55.20 -2.67 -66.54
N LYS A 24 -53.88 -2.73 -66.76
CA LYS A 24 -53.31 -2.57 -68.11
C LYS A 24 -53.73 -3.72 -69.02
N ARG A 25 -53.85 -4.93 -68.46
CA ARG A 25 -54.32 -6.10 -69.22
C ARG A 25 -55.77 -5.88 -69.67
N LEU A 26 -56.57 -5.18 -68.87
CA LEU A 26 -57.94 -4.85 -69.24
C LEU A 26 -57.94 -3.94 -70.48
N LYS A 27 -57.02 -2.97 -70.52
CA LYS A 27 -56.88 -2.07 -71.67
C LYS A 27 -56.44 -2.86 -72.92
N ARG A 80 -69.80 -17.54 -73.13
CA ARG A 80 -69.36 -16.28 -72.56
C ARG A 80 -68.54 -16.53 -71.30
N PRO A 81 -67.26 -16.11 -71.28
CA PRO A 81 -66.41 -16.32 -70.11
C PRO A 81 -66.70 -15.33 -68.99
N CYS A 82 -66.41 -15.76 -67.76
CA CYS A 82 -66.32 -14.88 -66.60
C CYS A 82 -65.24 -13.83 -66.85
N LEU A 83 -65.61 -12.55 -66.80
CA LEU A 83 -64.67 -11.47 -67.13
C LEU A 83 -63.56 -11.38 -66.09
N PRO A 84 -62.32 -11.00 -66.52
CA PRO A 84 -61.24 -10.75 -65.57
C PRO A 84 -61.48 -9.51 -64.70
N GLU A 85 -61.01 -9.58 -63.45
CA GLU A 85 -61.13 -8.47 -62.51
C GLU A 85 -60.01 -8.56 -61.47
N TRP A 86 -59.79 -7.45 -60.77
CA TRP A 86 -58.83 -7.35 -59.68
C TRP A 86 -59.61 -7.18 -58.36
N ASP A 87 -59.40 -8.11 -57.43
CA ASP A 87 -60.11 -8.10 -56.14
C ASP A 87 -59.14 -7.84 -54.98
N HIS A 88 -58.13 -6.99 -55.21
CA HIS A 88 -57.11 -6.54 -54.24
C HIS A 88 -56.18 -7.65 -53.76
N ILE A 89 -56.35 -8.90 -54.22
CA ILE A 89 -55.44 -9.99 -53.86
C ILE A 89 -54.88 -10.61 -55.15
N LEU A 90 -55.77 -11.08 -56.02
CA LEU A 90 -55.37 -11.75 -57.25
C LEU A 90 -56.06 -11.10 -58.46
N CYS A 91 -55.40 -11.20 -59.61
CA CYS A 91 -55.98 -10.83 -60.91
C CYS A 91 -56.43 -12.13 -61.58
N TRP A 92 -57.73 -12.25 -61.84
CA TRP A 92 -58.32 -13.51 -62.22
C TRP A 92 -58.40 -13.66 -63.73
N PRO A 93 -58.00 -14.81 -64.30
CA PRO A 93 -58.13 -15.04 -65.74
C PRO A 93 -59.59 -15.30 -66.13
N LEU A 94 -59.81 -15.49 -67.44
CA LEU A 94 -61.12 -15.84 -67.98
C LEU A 94 -61.63 -17.15 -67.37
N GLY A 95 -62.71 -17.04 -66.58
CA GLY A 95 -63.27 -18.18 -65.87
C GLY A 95 -64.20 -18.99 -66.76
N ALA A 96 -64.34 -20.28 -66.43
CA ALA A 96 -65.26 -21.17 -67.11
C ALA A 96 -66.58 -21.22 -66.34
N PRO A 97 -67.74 -21.05 -66.98
CA PRO A 97 -69.02 -21.05 -66.27
C PRO A 97 -69.33 -22.39 -65.62
N GLY A 98 -69.67 -22.37 -64.32
CA GLY A 98 -70.08 -23.56 -63.59
C GLY A 98 -68.92 -24.42 -63.12
N GLU A 99 -67.68 -23.99 -63.38
CA GLU A 99 -66.47 -24.72 -63.02
C GLU A 99 -65.62 -23.89 -62.06
N VAL A 100 -64.92 -24.59 -61.17
CA VAL A 100 -64.02 -23.95 -60.21
C VAL A 100 -62.76 -23.49 -60.95
N VAL A 101 -62.27 -22.30 -60.59
CA VAL A 101 -61.01 -21.77 -61.12
C VAL A 101 -59.98 -21.87 -60.00
N ALA A 102 -58.89 -22.60 -60.26
CA ALA A 102 -57.83 -22.83 -59.30
C ALA A 102 -56.61 -21.98 -59.65
N VAL A 103 -56.26 -21.04 -58.77
CA VAL A 103 -55.11 -20.17 -58.96
C VAL A 103 -54.10 -20.47 -57.86
N PRO A 104 -52.84 -20.83 -58.21
CA PRO A 104 -51.81 -21.16 -57.22
C PRO A 104 -51.56 -20.08 -56.16
N CYS A 105 -51.22 -20.53 -54.94
CA CYS A 105 -50.84 -19.63 -53.83
C CYS A 105 -49.64 -18.80 -54.27
N PRO A 106 -49.58 -17.50 -53.92
CA PRO A 106 -48.59 -16.59 -54.53
C PRO A 106 -47.14 -16.95 -54.23
N ASP A 107 -46.26 -16.52 -55.14
CA ASP A 107 -44.83 -16.87 -55.17
C ASP A 107 -43.94 -15.74 -54.66
N TYR A 108 -44.52 -14.67 -54.10
CA TYR A 108 -43.72 -13.55 -53.58
C TYR A 108 -43.83 -13.47 -52.05
N ILE A 109 -44.19 -14.58 -51.40
CA ILE A 109 -44.23 -14.67 -49.94
C ILE A 109 -43.37 -15.86 -49.52
N TYR A 110 -42.27 -15.55 -48.82
CA TYR A 110 -41.28 -16.54 -48.39
C TYR A 110 -41.87 -17.59 -47.45
N ASP A 111 -42.78 -17.17 -46.57
CA ASP A 111 -43.24 -18.01 -45.46
C ASP A 111 -44.50 -18.81 -45.80
N PHE A 112 -44.99 -18.73 -47.05
CA PHE A 112 -46.18 -19.49 -47.46
C PHE A 112 -45.76 -20.63 -48.37
N ASN A 113 -46.50 -21.74 -48.30
CA ASN A 113 -46.26 -22.87 -49.18
C ASN A 113 -46.78 -22.52 -50.58
N HIS A 114 -45.84 -22.39 -51.52
CA HIS A 114 -46.09 -21.90 -52.87
C HIS A 114 -46.96 -22.86 -53.68
N LYS A 115 -46.84 -24.16 -53.42
CA LYS A 115 -47.36 -25.23 -54.25
C LYS A 115 -48.89 -25.28 -54.29
N GLY A 116 -49.56 -25.03 -53.14
CA GLY A 116 -51.02 -25.12 -53.02
C GLY A 116 -51.79 -24.27 -54.02
N HIS A 117 -53.09 -24.53 -54.12
CA HIS A 117 -53.98 -23.84 -55.06
C HIS A 117 -55.21 -23.29 -54.35
N ALA A 118 -55.58 -22.05 -54.68
CA ALA A 118 -56.76 -21.39 -54.15
C ALA A 118 -57.94 -21.61 -55.10
N TYR A 119 -58.93 -22.38 -54.63
CA TYR A 119 -60.15 -22.67 -55.38
C TYR A 119 -61.15 -21.52 -55.25
N ARG A 120 -61.67 -21.05 -56.37
CA ARG A 120 -62.79 -20.09 -56.38
C ARG A 120 -63.64 -20.36 -57.62
N ARG A 121 -64.93 -20.67 -57.41
CA ARG A 121 -65.82 -21.04 -58.49
C ARG A 121 -66.62 -19.82 -58.95
N CYS A 122 -66.50 -19.50 -60.25
CA CYS A 122 -67.35 -18.50 -60.90
C CYS A 122 -68.54 -19.24 -61.52
N ASP A 123 -69.75 -18.72 -61.30
CA ASP A 123 -70.97 -19.42 -61.73
C ASP A 123 -71.29 -19.07 -63.19
N ARG A 124 -72.41 -19.60 -63.68
CA ARG A 124 -72.80 -19.50 -65.09
C ARG A 124 -73.33 -18.10 -65.46
N ASN A 125 -73.48 -17.20 -64.48
CA ASN A 125 -74.03 -15.87 -64.73
C ASN A 125 -72.91 -14.81 -64.81
N GLY A 126 -71.65 -15.20 -64.65
CA GLY A 126 -70.54 -14.28 -64.73
C GLY A 126 -70.27 -13.55 -63.43
N SER A 127 -70.81 -14.08 -62.33
CA SER A 127 -70.63 -13.55 -60.98
C SER A 127 -69.93 -14.58 -60.11
N TRP A 128 -69.45 -14.12 -58.94
CA TRP A 128 -68.77 -14.98 -57.99
C TRP A 128 -69.81 -15.68 -57.11
N GLU A 129 -69.52 -16.94 -56.78
CA GLU A 129 -70.42 -17.80 -56.02
C GLU A 129 -70.80 -17.17 -54.68
N LEU A 130 -72.10 -17.14 -54.41
CA LEU A 130 -72.65 -16.67 -53.15
C LEU A 130 -72.78 -17.83 -52.15
N THR A 137 -67.69 -13.68 -50.80
CA THR A 137 -67.00 -14.38 -51.87
C THR A 137 -66.40 -15.68 -51.34
N TRP A 138 -66.65 -16.78 -52.04
CA TRP A 138 -66.14 -18.10 -51.66
C TRP A 138 -64.67 -18.22 -52.08
N ALA A 139 -63.85 -18.80 -51.19
CA ALA A 139 -62.44 -19.06 -51.45
C ALA A 139 -61.93 -20.09 -50.46
N ASN A 140 -60.98 -20.92 -50.92
CA ASN A 140 -60.35 -21.95 -50.10
C ASN A 140 -58.88 -21.60 -49.89
N TYR A 141 -58.51 -21.23 -48.66
CA TYR A 141 -57.13 -20.86 -48.33
C TYR A 141 -56.46 -21.90 -47.42
N SER A 142 -57.00 -23.13 -47.37
CA SER A 142 -56.49 -24.16 -46.47
C SER A 142 -55.04 -24.58 -46.82
N GLU A 143 -54.76 -24.73 -48.12
CA GLU A 143 -53.46 -25.19 -48.61
C GLU A 143 -52.37 -24.15 -48.38
N CYS A 144 -52.71 -22.87 -48.54
CA CYS A 144 -51.76 -21.76 -48.44
C CYS A 144 -51.17 -21.65 -47.03
N VAL A 145 -52.01 -21.78 -45.99
CA VAL A 145 -51.61 -21.53 -44.59
C VAL A 145 -51.15 -22.84 -43.94
N LYS A 146 -49.91 -23.25 -44.24
CA LYS A 146 -49.36 -24.49 -43.70
C LYS A 146 -48.19 -24.26 -42.72
N PHE A 147 -47.84 -23.00 -42.41
CA PHE A 147 -46.65 -22.76 -41.58
C PHE A 147 -46.86 -21.76 -40.42
N LEU A 148 -48.04 -21.14 -40.31
CA LEU A 148 -48.29 -20.22 -39.18
C LEU A 148 -48.37 -20.98 -37.86
N THR A 149 -48.76 -22.26 -37.91
CA THR A 149 -48.83 -23.09 -36.71
C THR A 149 -47.43 -23.28 -36.14
N ASN A 150 -46.47 -23.62 -37.02
CA ASN A 150 -45.08 -23.85 -36.62
C ASN A 150 -44.47 -22.55 -36.08
N GLU A 151 -44.87 -21.42 -36.69
CA GLU A 151 -44.42 -20.09 -36.27
C GLU A 151 -44.84 -19.84 -34.81
N THR A 152 -46.15 -19.91 -34.56
CA THR A 152 -46.72 -19.69 -33.22
C THR A 152 -46.08 -20.61 -32.18
N ARG A 153 -45.76 -21.85 -32.55
CA ARG A 153 -45.13 -22.79 -31.62
C ARG A 153 -43.70 -22.32 -31.28
N GLU A 154 -42.97 -21.80 -32.27
CA GLU A 154 -41.59 -21.34 -32.05
C GLU A 154 -41.57 -20.04 -31.24
N ARG A 155 -42.70 -19.34 -31.17
CA ARG A 155 -42.79 -18.06 -30.45
C ARG A 155 -42.63 -18.27 -28.93
N GLU A 156 -43.15 -19.40 -28.43
CA GLU A 156 -43.11 -19.76 -26.99
C GLU A 156 -41.66 -19.87 -26.48
N VAL A 157 -40.77 -20.38 -27.31
CA VAL A 157 -39.36 -20.62 -26.96
C VAL A 157 -38.61 -19.31 -26.68
N PHE A 158 -38.94 -18.25 -27.41
CA PHE A 158 -38.23 -16.97 -27.36
C PHE A 158 -38.46 -16.19 -26.05
N ASP A 159 -39.59 -16.41 -25.38
CA ASP A 159 -39.94 -15.63 -24.18
C ASP A 159 -39.00 -15.93 -23.00
N ARG A 160 -38.58 -17.20 -22.85
CA ARG A 160 -37.63 -17.57 -21.79
C ARG A 160 -36.34 -16.74 -21.94
N LEU A 161 -35.76 -16.73 -23.15
CA LEU A 161 -34.54 -15.97 -23.42
C LEU A 161 -34.78 -14.47 -23.21
N ALA A 162 -35.95 -13.97 -23.62
CA ALA A 162 -36.30 -12.56 -23.47
C ALA A 162 -36.43 -12.15 -21.99
N MET A 163 -36.64 -13.12 -21.09
CA MET A 163 -36.78 -12.87 -19.66
C MET A 163 -35.44 -12.98 -18.91
N ILE A 164 -34.59 -13.94 -19.30
CA ILE A 164 -33.37 -14.23 -18.54
C ILE A 164 -32.34 -13.10 -18.65
N TYR A 165 -32.30 -12.37 -19.78
CA TYR A 165 -31.34 -11.25 -19.86
C TYR A 165 -31.87 -10.04 -19.09
N THR A 166 -33.20 -9.94 -18.94
CA THR A 166 -33.81 -8.89 -18.13
C THR A 166 -33.47 -9.11 -16.65
N VAL A 167 -33.51 -10.39 -16.22
CA VAL A 167 -33.18 -10.76 -14.84
C VAL A 167 -31.69 -10.52 -14.59
N GLY A 168 -30.84 -10.97 -15.52
CA GLY A 168 -29.40 -10.79 -15.41
C GLY A 168 -28.97 -9.33 -15.35
N TYR A 169 -29.58 -8.49 -16.20
CA TYR A 169 -29.25 -7.07 -16.26
C TYR A 169 -30.03 -6.25 -15.23
N SER A 170 -30.87 -6.93 -14.42
CA SER A 170 -31.42 -6.32 -13.22
C SER A 170 -30.48 -6.54 -12.04
N VAL A 171 -29.96 -7.77 -11.92
CA VAL A 171 -29.02 -8.13 -10.86
C VAL A 171 -27.69 -7.41 -11.07
N SER A 172 -27.24 -7.33 -12.33
CA SER A 172 -25.98 -6.69 -12.67
C SER A 172 -26.09 -5.16 -12.65
N LEU A 173 -27.32 -4.63 -12.58
CA LEU A 173 -27.53 -3.20 -12.39
C LEU A 173 -27.48 -2.87 -10.89
N ALA A 174 -28.19 -3.67 -10.08
CA ALA A 174 -28.27 -3.45 -8.64
C ALA A 174 -26.89 -3.61 -7.97
N SER A 175 -26.18 -4.69 -8.33
CA SER A 175 -24.91 -5.04 -7.68
C SER A 175 -23.72 -4.22 -8.17
N LEU A 176 -23.91 -3.37 -9.20
CA LEU A 176 -22.82 -2.52 -9.70
C LEU A 176 -23.04 -1.03 -9.43
N THR A 177 -23.96 -0.69 -8.51
CA THR A 177 -24.06 0.67 -7.98
C THR A 177 -23.33 0.80 -6.65
N VAL A 178 -23.37 -0.27 -5.84
CA VAL A 178 -22.64 -0.32 -4.57
C VAL A 178 -21.13 -0.23 -4.82
N ALA A 179 -20.66 -0.91 -5.87
CA ALA A 179 -19.23 -0.95 -6.19
C ALA A 179 -18.71 0.44 -6.55
N VAL A 180 -19.44 1.16 -7.40
CA VAL A 180 -19.00 2.49 -7.84
C VAL A 180 -19.18 3.51 -6.72
N LEU A 181 -20.16 3.29 -5.84
CA LEU A 181 -20.35 4.14 -4.66
C LEU A 181 -19.12 4.02 -3.75
N ILE A 182 -18.70 2.79 -3.46
CA ILE A 182 -17.55 2.53 -2.57
C ILE A 182 -16.27 3.11 -3.17
N LEU A 183 -16.01 2.81 -4.46
CA LEU A 183 -14.78 3.25 -5.12
C LEU A 183 -14.70 4.77 -5.21
N ALA A 184 -15.80 5.41 -5.61
CA ALA A 184 -15.83 6.87 -5.77
C ALA A 184 -15.72 7.56 -4.40
N TYR A 185 -16.47 7.04 -3.41
CA TYR A 185 -16.58 7.67 -2.10
C TYR A 185 -15.24 7.65 -1.36
N PHE A 186 -14.61 6.48 -1.25
CA PHE A 186 -13.37 6.34 -0.48
C PHE A 186 -12.23 7.10 -1.17
N ARG A 187 -11.37 7.70 -0.36
CA ARG A 187 -10.30 8.57 -0.84
C ARG A 187 -9.07 7.75 -1.24
N ARG A 188 -8.71 6.75 -0.42
CA ARG A 188 -7.46 6.02 -0.59
C ARG A 188 -7.59 4.86 -1.58
N LEU A 189 -8.78 4.66 -2.16
CA LEU A 189 -8.97 3.69 -3.23
C LEU A 189 -8.93 4.35 -4.61
N HIS A 190 -8.41 5.58 -4.68
CA HIS A 190 -8.30 6.30 -5.95
C HIS A 190 -6.93 6.01 -6.58
N CYS A 191 -6.96 5.39 -7.77
CA CYS A 191 -5.78 5.05 -8.53
C CYS A 191 -6.17 4.84 -10.00
N THR A 192 -5.17 4.81 -10.87
CA THR A 192 -5.36 4.55 -12.30
C THR A 192 -6.05 3.20 -12.50
N ARG A 193 -5.61 2.20 -11.73
CA ARG A 193 -6.22 0.88 -11.69
C ARG A 193 -7.72 0.99 -11.35
N ASN A 194 -8.04 1.79 -10.34
CA ASN A 194 -9.42 1.94 -9.87
C ASN A 194 -10.15 3.06 -10.60
N TYR A 195 -9.50 3.67 -11.60
CA TYR A 195 -10.17 4.50 -12.59
C TYR A 195 -10.67 3.63 -13.73
N ILE A 196 -9.80 2.73 -14.21
CA ILE A 196 -10.13 1.83 -15.32
C ILE A 196 -11.24 0.86 -14.89
N HIS A 197 -11.19 0.41 -13.63
CA HIS A 197 -12.26 -0.43 -13.07
C HIS A 197 -13.59 0.33 -13.01
N MET A 198 -13.54 1.63 -12.73
CA MET A 198 -14.75 2.46 -12.67
C MET A 198 -15.32 2.67 -14.07
N HIS A 199 -14.45 2.85 -15.07
CA HIS A 199 -14.90 2.97 -16.46
C HIS A 199 -15.53 1.66 -16.94
N LEU A 200 -15.01 0.52 -16.46
CA LEU A 200 -15.57 -0.79 -16.77
C LEU A 200 -16.98 -0.90 -16.19
N PHE A 201 -17.13 -0.56 -14.90
CA PHE A 201 -18.41 -0.71 -14.21
C PHE A 201 -19.45 0.27 -14.76
N LEU A 202 -19.01 1.47 -15.17
CA LEU A 202 -19.94 2.44 -15.77
C LEU A 202 -20.29 2.04 -17.20
N SER A 203 -19.44 1.23 -17.85
CA SER A 203 -19.76 0.71 -19.17
C SER A 203 -20.76 -0.44 -19.05
N PHE A 204 -20.66 -1.21 -17.96
CA PHE A 204 -21.67 -2.23 -17.62
C PHE A 204 -23.02 -1.57 -17.33
N MET A 205 -22.99 -0.42 -16.65
CA MET A 205 -24.21 0.31 -16.32
C MET A 205 -24.86 0.89 -17.58
N LEU A 206 -24.05 1.48 -18.47
CA LEU A 206 -24.57 2.05 -19.72
C LEU A 206 -25.09 0.95 -20.64
N ARG A 207 -24.46 -0.23 -20.59
CA ARG A 207 -24.95 -1.41 -21.30
C ARG A 207 -26.34 -1.79 -20.78
N ALA A 208 -26.48 -1.88 -19.44
CA ALA A 208 -27.73 -2.27 -18.80
C ALA A 208 -28.88 -1.33 -19.17
N VAL A 209 -28.63 -0.02 -19.10
CA VAL A 209 -29.69 0.96 -19.39
C VAL A 209 -29.96 1.01 -20.90
N SER A 210 -28.96 0.68 -21.73
CA SER A 210 -29.17 0.62 -23.18
C SER A 210 -29.92 -0.66 -23.58
N ILE A 211 -30.02 -1.62 -22.65
CA ILE A 211 -30.85 -2.80 -22.85
C ILE A 211 -32.29 -2.46 -22.48
N PHE A 212 -32.48 -1.77 -21.34
CA PHE A 212 -33.81 -1.39 -20.86
C PHE A 212 -34.50 -0.44 -21.83
N VAL A 213 -33.75 0.54 -22.37
CA VAL A 213 -34.28 1.50 -23.34
C VAL A 213 -34.73 0.76 -24.60
N LYS A 214 -33.88 -0.16 -25.08
CA LYS A 214 -34.17 -0.96 -26.27
C LYS A 214 -35.40 -1.85 -26.02
N ASP A 215 -35.50 -2.40 -24.80
CA ASP A 215 -36.60 -3.28 -24.41
C ASP A 215 -37.93 -2.53 -24.46
N ALA A 216 -37.93 -1.24 -24.08
CA ALA A 216 -39.15 -0.44 -24.07
C ALA A 216 -39.70 -0.25 -25.49
N VAL A 217 -38.82 0.04 -26.46
CA VAL A 217 -39.26 0.22 -27.85
C VAL A 217 -39.64 -1.13 -28.48
N LEU A 218 -38.99 -2.22 -28.04
CA LEU A 218 -39.36 -3.57 -28.47
C LEU A 218 -40.75 -3.93 -27.95
N TYR A 219 -41.04 -3.54 -26.70
CA TYR A 219 -42.35 -3.77 -26.09
C TYR A 219 -43.43 -3.01 -26.85
N SER A 220 -43.24 -1.69 -27.01
CA SER A 220 -44.17 -0.83 -27.74
C SER A 220 -44.38 -1.32 -29.17
N GLY A 221 -43.33 -1.87 -29.79
CA GLY A 221 -43.43 -2.47 -31.12
C GLY A 221 -44.23 -3.76 -31.13
N ALA A 222 -44.07 -4.58 -30.09
CA ALA A 222 -44.67 -5.91 -30.04
C ALA A 222 -46.15 -5.85 -29.64
N THR A 223 -46.43 -5.22 -28.49
CA THR A 223 -47.76 -5.25 -27.89
C THR A 223 -48.68 -4.15 -28.46
N LEU A 224 -48.12 -2.98 -28.77
CA LEU A 224 -48.89 -1.88 -29.35
C LEU A 224 -48.69 -1.85 -30.86
N THR A 247 -47.00 9.45 -34.67
CA THR A 247 -46.92 8.22 -33.91
C THR A 247 -45.90 7.26 -34.54
N ALA A 248 -46.09 6.99 -35.83
CA ALA A 248 -45.22 6.06 -36.56
C ALA A 248 -43.83 6.67 -36.76
N ALA A 249 -43.78 7.91 -37.25
CA ALA A 249 -42.50 8.58 -37.54
C ALA A 249 -41.73 8.89 -36.26
N ALA A 250 -42.46 9.22 -35.19
CA ALA A 250 -41.87 9.38 -33.87
C ALA A 250 -41.27 8.06 -33.39
N GLY A 251 -41.96 6.96 -33.69
CA GLY A 251 -41.45 5.61 -33.41
C GLY A 251 -40.18 5.32 -34.20
N TYR A 252 -40.15 5.76 -35.47
CA TYR A 252 -38.99 5.51 -36.33
C TYR A 252 -37.75 6.18 -35.75
N ALA A 253 -37.78 7.52 -35.64
CA ALA A 253 -36.59 8.26 -35.20
C ALA A 253 -36.20 7.83 -33.78
N GLY A 254 -37.19 7.46 -32.96
CA GLY A 254 -36.94 6.92 -31.62
C GLY A 254 -36.17 5.62 -31.68
N CYS A 255 -36.54 4.78 -32.66
CA CYS A 255 -35.92 3.48 -32.92
C CYS A 255 -34.49 3.67 -33.41
N ARG A 256 -34.26 4.68 -34.26
CA ARG A 256 -32.92 4.91 -34.82
C ARG A 256 -31.96 5.39 -33.73
N VAL A 257 -32.44 6.28 -32.86
CA VAL A 257 -31.63 6.78 -31.73
C VAL A 257 -31.39 5.63 -30.74
N ALA A 258 -32.43 4.82 -30.49
CA ALA A 258 -32.36 3.68 -29.58
C ALA A 258 -31.35 2.65 -30.06
N VAL A 259 -31.41 2.28 -31.34
CA VAL A 259 -30.54 1.23 -31.89
C VAL A 259 -29.11 1.73 -31.97
N THR A 260 -28.91 3.03 -32.23
CA THR A 260 -27.58 3.62 -32.32
C THR A 260 -26.89 3.58 -30.95
N PHE A 261 -27.61 4.00 -29.90
CA PHE A 261 -27.04 4.01 -28.56
C PHE A 261 -26.92 2.59 -28.01
N PHE A 262 -27.78 1.67 -28.48
CA PHE A 262 -27.66 0.25 -28.16
C PHE A 262 -26.33 -0.31 -28.67
N LEU A 263 -26.06 -0.17 -29.98
CA LEU A 263 -24.83 -0.74 -30.55
C LEU A 263 -23.67 0.26 -30.52
N TYR A 264 -23.78 1.26 -29.66
CA TYR A 264 -22.62 2.05 -29.24
C TYR A 264 -22.17 1.61 -27.86
N PHE A 265 -23.09 1.56 -26.89
CA PHE A 265 -22.77 1.16 -25.52
C PHE A 265 -22.38 -0.32 -25.46
N LEU A 266 -22.89 -1.13 -26.38
CA LEU A 266 -22.47 -2.53 -26.49
C LEU A 266 -21.02 -2.60 -27.01
N ALA A 267 -20.71 -1.78 -28.02
CA ALA A 267 -19.38 -1.74 -28.64
C ALA A 267 -18.31 -1.29 -27.65
N THR A 268 -18.62 -0.31 -26.79
CA THR A 268 -17.64 0.25 -25.86
C THR A 268 -17.27 -0.74 -24.74
N ASN A 269 -18.17 -1.66 -24.39
CA ASN A 269 -17.91 -2.60 -23.31
C ASN A 269 -16.80 -3.60 -23.70
N TYR A 270 -16.88 -4.13 -24.93
CA TYR A 270 -15.89 -5.09 -25.40
C TYR A 270 -14.53 -4.42 -25.64
N TYR A 271 -14.53 -3.13 -25.97
CA TYR A 271 -13.28 -2.41 -26.12
C TYR A 271 -12.68 -2.06 -24.75
N TRP A 272 -13.52 -1.87 -23.72
CA TRP A 272 -13.00 -1.58 -22.38
C TRP A 272 -12.47 -2.83 -21.69
N ILE A 273 -12.98 -4.02 -22.04
CA ILE A 273 -12.35 -5.26 -21.54
C ILE A 273 -11.05 -5.52 -22.32
N LEU A 274 -10.98 -5.05 -23.57
CA LEU A 274 -9.72 -5.10 -24.32
C LEU A 274 -8.71 -4.12 -23.70
N VAL A 275 -9.19 -2.96 -23.23
CA VAL A 275 -8.34 -1.96 -22.57
C VAL A 275 -7.72 -2.54 -21.31
N GLU A 276 -8.53 -3.24 -20.50
CA GLU A 276 -8.04 -3.89 -19.29
C GLU A 276 -7.07 -5.03 -19.63
N GLY A 277 -7.34 -5.74 -20.73
CA GLY A 277 -6.40 -6.72 -21.27
C GLY A 277 -5.05 -6.11 -21.60
N LEU A 278 -5.06 -4.95 -22.24
CA LEU A 278 -3.83 -4.27 -22.67
C LEU A 278 -3.09 -3.68 -21.46
N TYR A 279 -3.83 -3.15 -20.49
CA TYR A 279 -3.23 -2.53 -19.31
C TYR A 279 -2.49 -3.57 -18.47
N LEU A 280 -3.15 -4.70 -18.17
CA LEU A 280 -2.51 -5.78 -17.41
C LEU A 280 -1.38 -6.41 -18.21
N HIS A 281 -1.49 -6.42 -19.55
CA HIS A 281 -0.43 -6.96 -20.41
C HIS A 281 0.75 -6.00 -20.50
N SER A 282 0.52 -4.70 -20.25
CA SER A 282 1.57 -3.69 -20.35
C SER A 282 2.35 -3.55 -19.04
N LEU A 283 1.66 -3.67 -17.90
CA LEU A 283 2.31 -3.60 -16.58
C LEU A 283 3.41 -4.65 -16.45
N ILE A 284 3.10 -5.90 -16.82
CA ILE A 284 4.01 -7.02 -16.62
C ILE A 284 5.20 -6.90 -17.58
N PHE A 285 4.91 -6.56 -18.84
CA PHE A 285 5.86 -6.67 -19.95
C PHE A 285 6.60 -5.36 -20.24
N MET A 286 6.39 -4.30 -19.46
CA MET A 286 7.15 -3.07 -19.67
C MET A 286 7.82 -2.55 -18.40
N ALA A 287 7.28 -2.87 -17.22
CA ALA A 287 7.85 -2.56 -15.89
C ALA A 287 7.85 -1.07 -15.54
N PHE A 288 7.54 -0.20 -16.48
CA PHE A 288 7.35 1.24 -16.23
C PHE A 288 6.22 1.72 -17.12
N PHE A 289 5.52 2.77 -16.67
CA PHE A 289 4.40 3.30 -17.42
C PHE A 289 4.14 4.75 -16.99
N SER A 290 3.71 5.54 -17.97
CA SER A 290 3.31 6.92 -17.78
C SER A 290 1.79 6.95 -17.54
N GLU A 291 1.42 7.33 -16.30
CA GLU A 291 0.04 7.29 -15.83
C GLU A 291 -0.84 8.20 -16.68
N LYS A 292 -0.37 9.40 -16.97
CA LYS A 292 -1.17 10.39 -17.69
C LYS A 292 -1.29 10.00 -19.17
N LYS A 293 -0.17 9.56 -19.76
CA LYS A 293 -0.14 9.18 -21.17
C LYS A 293 -1.04 7.97 -21.41
N TYR A 294 -0.91 6.94 -20.57
CA TYR A 294 -1.72 5.73 -20.73
C TYR A 294 -3.17 5.98 -20.35
N LEU A 295 -3.41 6.84 -19.34
CA LEU A 295 -4.77 7.14 -18.90
C LEU A 295 -5.55 7.82 -20.03
N TRP A 296 -5.00 8.91 -20.58
CA TRP A 296 -5.67 9.63 -21.66
C TRP A 296 -5.69 8.80 -22.96
N GLY A 297 -4.67 7.96 -23.18
CA GLY A 297 -4.64 7.10 -24.34
C GLY A 297 -5.72 6.02 -24.30
N PHE A 298 -5.90 5.41 -23.12
CA PHE A 298 -6.90 4.37 -22.92
C PHE A 298 -8.31 4.96 -22.90
N THR A 299 -8.48 6.13 -22.28
CA THR A 299 -9.77 6.83 -22.26
C THR A 299 -10.25 7.14 -23.67
N VAL A 300 -9.34 7.64 -24.53
CA VAL A 300 -9.68 7.99 -25.91
C VAL A 300 -9.96 6.72 -26.71
N PHE A 301 -9.09 5.71 -26.57
CA PHE A 301 -9.25 4.42 -27.25
C PHE A 301 -10.57 3.74 -26.84
N GLY A 302 -10.96 3.91 -25.57
CA GLY A 302 -12.17 3.32 -25.04
C GLY A 302 -13.43 3.98 -25.58
N TRP A 303 -13.57 5.29 -25.36
CA TRP A 303 -14.84 5.98 -25.65
C TRP A 303 -14.90 6.51 -27.09
N GLY A 304 -13.82 7.11 -27.58
CA GLY A 304 -13.86 7.84 -28.84
C GLY A 304 -13.93 6.93 -30.06
N LEU A 305 -13.11 5.87 -30.07
CA LEU A 305 -12.91 5.04 -31.26
C LEU A 305 -14.17 4.28 -31.69
N PRO A 306 -15.01 3.71 -30.78
CA PRO A 306 -16.29 3.14 -31.22
C PRO A 306 -17.23 4.12 -31.93
N ALA A 307 -17.21 5.39 -31.54
CA ALA A 307 -18.10 6.40 -32.12
C ALA A 307 -17.78 6.65 -33.59
N VAL A 308 -16.53 6.41 -34.00
CA VAL A 308 -16.13 6.51 -35.41
C VAL A 308 -16.81 5.40 -36.21
N PHE A 309 -16.72 4.16 -35.70
CA PHE A 309 -17.34 3.00 -36.33
C PHE A 309 -18.85 3.18 -36.43
N VAL A 310 -19.47 3.52 -35.30
CA VAL A 310 -20.92 3.79 -35.23
C VAL A 310 -21.31 4.89 -36.22
N ALA A 311 -20.54 5.98 -36.26
CA ALA A 311 -20.81 7.11 -37.15
C ALA A 311 -20.76 6.68 -38.62
N VAL A 312 -19.74 5.90 -38.99
CA VAL A 312 -19.58 5.41 -40.36
C VAL A 312 -20.75 4.48 -40.72
N TRP A 313 -21.17 3.65 -39.76
CA TRP A 313 -22.30 2.74 -39.97
C TRP A 313 -23.60 3.51 -40.16
N VAL A 314 -23.82 4.51 -39.31
CA VAL A 314 -25.00 5.38 -39.37
C VAL A 314 -25.06 6.07 -40.73
N SER A 315 -23.93 6.62 -41.19
CA SER A 315 -23.88 7.38 -42.43
C SER A 315 -24.11 6.48 -43.64
N VAL A 316 -23.51 5.28 -43.62
CA VAL A 316 -23.63 4.33 -44.73
C VAL A 316 -25.07 3.80 -44.81
N ARG A 317 -25.61 3.37 -43.66
CA ARG A 317 -27.00 2.88 -43.58
C ARG A 317 -27.99 3.97 -43.98
N ALA A 318 -27.73 5.22 -43.56
CA ALA A 318 -28.59 6.37 -43.87
C ALA A 318 -28.35 6.88 -45.29
N THR A 319 -27.30 6.37 -45.95
CA THR A 319 -27.02 6.73 -47.34
C THR A 319 -27.72 5.76 -48.29
N LEU A 320 -27.57 4.45 -48.04
CA LEU A 320 -28.09 3.45 -48.98
C LEU A 320 -29.55 3.12 -48.68
N ALA A 321 -29.86 2.74 -47.43
CA ALA A 321 -31.23 2.35 -47.11
C ALA A 321 -32.06 3.53 -46.59
N ASN A 322 -31.78 3.93 -45.34
CA ASN A 322 -32.44 5.05 -44.64
C ASN A 322 -33.97 4.91 -44.69
N THR A 323 -34.45 3.71 -44.36
CA THR A 323 -35.88 3.41 -44.38
C THR A 323 -36.21 2.48 -43.21
N GLY A 324 -37.37 2.73 -42.58
CA GLY A 324 -37.78 1.98 -41.41
C GLY A 324 -36.85 2.19 -40.23
N CYS A 325 -36.75 1.16 -39.39
CA CYS A 325 -35.70 1.07 -38.38
C CYS A 325 -34.41 0.60 -39.05
N TRP A 326 -33.32 0.61 -38.29
CA TRP A 326 -32.05 0.01 -38.68
C TRP A 326 -31.90 -1.36 -38.00
N ASP A 327 -32.98 -2.12 -38.00
CA ASP A 327 -33.03 -3.45 -37.40
C ASP A 327 -32.75 -4.53 -38.44
N LEU A 328 -33.45 -4.49 -39.57
CA LEU A 328 -33.22 -5.47 -40.65
C LEU A 328 -31.82 -5.34 -41.21
N SER A 329 -31.18 -6.49 -41.45
CA SER A 329 -29.87 -6.55 -42.08
C SER A 329 -30.00 -6.27 -43.58
N SER A 330 -28.94 -5.67 -44.15
CA SER A 330 -28.88 -5.32 -45.56
C SER A 330 -28.05 -6.35 -46.34
N GLY A 331 -26.85 -6.63 -45.84
CA GLY A 331 -25.90 -7.55 -46.47
C GLY A 331 -24.57 -7.54 -45.77
N ASN A 332 -23.49 -7.21 -46.51
CA ASN A 332 -22.13 -7.15 -45.96
C ASN A 332 -21.94 -5.99 -44.99
N LYS A 333 -22.83 -4.97 -45.06
CA LYS A 333 -22.67 -3.74 -44.28
C LYS A 333 -22.79 -3.99 -42.78
N LYS A 334 -23.49 -5.06 -42.38
CA LYS A 334 -23.60 -5.42 -40.96
C LYS A 334 -22.24 -5.77 -40.35
N TRP A 335 -21.28 -6.17 -41.19
CA TRP A 335 -19.93 -6.53 -40.74
C TRP A 335 -19.12 -5.30 -40.33
N ILE A 336 -19.54 -4.10 -40.76
CA ILE A 336 -18.83 -2.83 -40.53
C ILE A 336 -18.57 -2.60 -39.04
N ILE A 337 -19.49 -3.03 -38.18
CA ILE A 337 -19.32 -2.93 -36.73
C ILE A 337 -19.08 -4.30 -36.10
N GLN A 338 -19.39 -5.39 -36.82
CA GLN A 338 -19.17 -6.74 -36.32
C GLN A 338 -17.68 -7.06 -36.29
N VAL A 339 -16.98 -6.78 -37.40
CA VAL A 339 -15.61 -7.23 -37.63
C VAL A 339 -14.60 -6.50 -36.73
N PRO A 340 -14.68 -5.17 -36.50
CA PRO A 340 -13.81 -4.54 -35.50
C PRO A 340 -14.06 -4.95 -34.05
N ILE A 341 -15.16 -5.65 -33.77
CA ILE A 341 -15.45 -6.17 -32.42
C ILE A 341 -14.96 -7.62 -32.30
N LEU A 342 -15.14 -8.41 -33.36
CA LEU A 342 -14.64 -9.80 -33.41
C LEU A 342 -13.12 -9.82 -33.18
N ALA A 343 -12.41 -8.87 -33.78
CA ALA A 343 -10.94 -8.79 -33.68
C ALA A 343 -10.52 -8.01 -32.42
N SER A 344 -11.40 -7.96 -31.41
CA SER A 344 -11.06 -7.52 -30.08
C SER A 344 -11.32 -8.62 -29.05
N ILE A 345 -11.72 -9.81 -29.50
CA ILE A 345 -11.99 -10.94 -28.62
C ILE A 345 -10.95 -12.06 -28.82
N VAL A 346 -10.51 -12.28 -30.06
CA VAL A 346 -9.43 -13.23 -30.34
C VAL A 346 -8.12 -12.68 -29.77
N LEU A 347 -7.84 -11.41 -30.06
CA LEU A 347 -6.63 -10.72 -29.56
C LEU A 347 -6.61 -10.74 -28.03
N ASN A 348 -7.75 -10.41 -27.41
CA ASN A 348 -7.88 -10.36 -25.95
C ASN A 348 -7.71 -11.76 -25.36
N PHE A 349 -8.04 -12.80 -26.14
CA PHE A 349 -7.87 -14.17 -25.70
C PHE A 349 -6.39 -14.56 -25.75
N ILE A 350 -5.68 -14.08 -26.77
CA ILE A 350 -4.23 -14.32 -26.92
C ILE A 350 -3.49 -13.68 -25.75
N LEU A 351 -3.89 -12.46 -25.38
CA LEU A 351 -3.31 -11.75 -24.24
C LEU A 351 -3.55 -12.54 -22.96
N PHE A 352 -4.71 -13.20 -22.86
CA PHE A 352 -5.03 -14.03 -21.69
C PHE A 352 -4.05 -15.20 -21.58
N ILE A 353 -3.88 -15.96 -22.66
CA ILE A 353 -3.06 -17.19 -22.61
C ILE A 353 -1.58 -16.86 -22.45
N ASN A 354 -1.16 -15.68 -22.96
CA ASN A 354 0.23 -15.22 -22.83
C ASN A 354 0.53 -14.90 -21.36
N ILE A 355 -0.40 -14.22 -20.69
CA ILE A 355 -0.26 -13.79 -19.28
C ILE A 355 -0.25 -15.01 -18.34
N VAL A 356 -1.07 -16.03 -18.66
CA VAL A 356 -1.19 -17.23 -17.80
C VAL A 356 0.14 -17.99 -17.80
N ARG A 357 0.81 -18.05 -18.96
CA ARG A 357 2.06 -18.78 -19.11
C ARG A 357 3.11 -18.27 -18.11
N VAL A 358 3.19 -16.95 -17.94
CA VAL A 358 4.19 -16.35 -17.04
C VAL A 358 3.82 -16.64 -15.59
N LEU A 359 2.53 -16.84 -15.30
CA LEU A 359 2.09 -17.21 -13.95
C LEU A 359 2.58 -18.61 -13.61
N ALA A 360 2.71 -19.48 -14.62
CA ALA A 360 3.31 -20.80 -14.43
C ALA A 360 4.77 -20.65 -14.02
N THR A 361 5.48 -19.70 -14.64
CA THR A 361 6.86 -19.39 -14.30
C THR A 361 6.96 -18.87 -12.87
N LYS A 362 6.14 -17.86 -12.53
CA LYS A 362 6.19 -17.19 -11.23
C LYS A 362 5.91 -18.18 -10.09
N LEU A 363 5.05 -19.17 -10.34
CA LEU A 363 4.81 -20.22 -9.35
C LEU A 363 6.01 -21.16 -9.28
N ARG A 364 6.53 -21.56 -10.45
CA ARG A 364 7.66 -22.49 -10.54
C ARG A 364 8.90 -21.89 -9.86
N GLU A 365 9.13 -20.59 -10.05
CA GLU A 365 10.31 -19.91 -9.51
C GLU A 365 10.20 -19.74 -7.99
N THR A 366 9.03 -20.01 -7.41
CA THR A 366 8.84 -19.93 -5.96
C THR A 366 8.95 -21.33 -5.34
N ASN A 367 9.08 -22.36 -6.18
CA ASN A 367 9.25 -23.73 -5.71
C ASN A 367 10.73 -23.97 -5.38
N ALA A 368 11.61 -23.59 -6.31
CA ALA A 368 13.05 -23.73 -6.13
C ALA A 368 13.55 -22.82 -5.02
N GLY A 369 13.02 -21.60 -4.96
CA GLY A 369 13.37 -20.63 -3.92
C GLY A 369 12.70 -20.97 -2.60
N THR A 373 3.99 -28.10 -6.76
CA THR A 373 3.23 -28.82 -5.74
C THR A 373 1.73 -28.60 -5.95
N ARG A 374 0.91 -29.24 -5.10
CA ARG A 374 -0.54 -29.13 -5.18
C ARG A 374 -1.00 -27.72 -4.79
N GLN A 375 -0.27 -27.08 -3.87
CA GLN A 375 -0.60 -25.72 -3.43
C GLN A 375 -0.48 -24.75 -4.61
N GLN A 376 0.58 -24.90 -5.41
CA GLN A 376 0.80 -24.07 -6.59
C GLN A 376 -0.30 -24.31 -7.63
N TYR A 377 -0.68 -25.58 -7.81
CA TYR A 377 -1.76 -25.95 -8.72
C TYR A 377 -3.08 -25.29 -8.30
N ARG A 378 -3.36 -25.29 -6.99
CA ARG A 378 -4.57 -24.69 -6.44
C ARG A 378 -4.56 -23.17 -6.63
N LYS A 379 -3.39 -22.55 -6.45
CA LYS A 379 -3.24 -21.11 -6.63
C LYS A 379 -3.43 -20.73 -8.10
N LEU A 380 -2.92 -21.56 -9.01
CA LEU A 380 -3.06 -21.33 -10.44
C LEU A 380 -4.52 -21.48 -10.86
N LEU A 381 -5.18 -22.51 -10.32
CA LEU A 381 -6.62 -22.74 -10.53
C LEU A 381 -7.42 -21.50 -10.09
N LYS A 382 -7.13 -21.01 -8.88
CA LYS A 382 -7.83 -19.86 -8.31
C LYS A 382 -7.59 -18.61 -9.18
N SER A 383 -6.33 -18.39 -9.59
CA SER A 383 -5.97 -17.25 -10.42
C SER A 383 -6.69 -17.32 -11.78
N THR A 384 -6.84 -18.53 -12.32
CA THR A 384 -7.56 -18.74 -13.56
C THR A 384 -9.04 -18.39 -13.38
N LEU A 385 -9.64 -18.86 -12.29
CA LEU A 385 -11.07 -18.64 -12.06
C LEU A 385 -11.36 -17.17 -11.78
N VAL A 386 -10.39 -16.42 -11.25
CA VAL A 386 -10.58 -14.98 -10.99
C VAL A 386 -9.99 -14.14 -12.14
N LEU A 387 -9.65 -14.77 -13.26
CA LEU A 387 -9.16 -14.04 -14.44
C LEU A 387 -9.96 -14.40 -15.69
N MET A 388 -10.88 -15.37 -15.62
CA MET A 388 -11.66 -15.79 -16.78
C MET A 388 -12.90 -14.93 -16.99
N PRO A 389 -13.65 -14.48 -15.94
CA PRO A 389 -14.72 -13.50 -16.17
C PRO A 389 -14.26 -12.11 -16.66
N LEU A 390 -13.07 -11.67 -16.24
CA LEU A 390 -12.60 -10.33 -16.59
C LEU A 390 -12.34 -10.20 -18.09
N PHE A 391 -11.50 -11.08 -18.63
CA PHE A 391 -11.10 -11.01 -20.04
C PHE A 391 -12.10 -11.70 -20.97
N GLY A 392 -13.20 -12.22 -20.42
CA GLY A 392 -14.23 -12.91 -21.18
C GLY A 392 -13.69 -14.06 -22.00
N VAL A 393 -13.26 -15.13 -21.32
CA VAL A 393 -12.65 -16.27 -21.97
C VAL A 393 -13.75 -17.11 -22.65
N HIS A 394 -14.90 -17.22 -21.98
CA HIS A 394 -16.04 -18.02 -22.45
C HIS A 394 -16.57 -17.55 -23.82
N TYR A 395 -16.27 -16.30 -24.20
CA TYR A 395 -16.70 -15.75 -25.49
C TYR A 395 -16.15 -16.58 -26.66
N ILE A 396 -14.89 -17.01 -26.56
CA ILE A 396 -14.19 -17.70 -27.65
C ILE A 396 -14.81 -19.07 -27.94
N VAL A 397 -15.62 -19.59 -27.01
CA VAL A 397 -16.25 -20.90 -27.16
C VAL A 397 -17.25 -20.88 -28.32
N PHE A 398 -17.90 -19.72 -28.55
CA PHE A 398 -18.89 -19.57 -29.62
C PHE A 398 -18.80 -18.21 -30.29
N MET A 399 -17.61 -17.61 -30.33
CA MET A 399 -17.43 -16.28 -30.89
C MET A 399 -17.62 -16.31 -32.41
N ALA A 400 -16.98 -17.27 -33.08
CA ALA A 400 -17.05 -17.40 -34.53
C ALA A 400 -17.93 -18.60 -34.90
N THR A 401 -19.17 -18.28 -35.30
CA THR A 401 -20.14 -19.23 -35.81
C THR A 401 -20.95 -18.49 -36.87
N PRO A 402 -21.15 -19.07 -38.07
CA PRO A 402 -22.02 -18.45 -39.08
C PRO A 402 -23.48 -18.51 -38.63
N TYR A 403 -24.29 -17.55 -39.11
CA TYR A 403 -25.69 -17.43 -38.74
C TYR A 403 -26.45 -18.69 -39.17
N THR A 404 -27.13 -19.32 -38.20
CA THR A 404 -27.83 -20.58 -38.39
C THR A 404 -29.33 -20.33 -38.52
N GLU A 405 -30.08 -21.44 -38.66
CA GLU A 405 -31.52 -21.42 -38.74
C GLU A 405 -32.12 -20.94 -37.42
N VAL A 406 -33.28 -20.28 -37.52
CA VAL A 406 -33.96 -19.63 -36.39
C VAL A 406 -34.26 -20.63 -35.28
N SER A 407 -34.65 -21.86 -35.66
CA SER A 407 -34.89 -22.95 -34.73
C SER A 407 -33.92 -24.10 -35.04
N GLY A 408 -33.32 -24.65 -33.99
CA GLY A 408 -32.37 -25.75 -34.13
C GLY A 408 -31.57 -25.98 -32.86
N THR A 409 -30.82 -27.08 -32.85
CA THR A 409 -30.00 -27.53 -31.74
C THR A 409 -28.92 -26.48 -31.40
N LEU A 410 -28.01 -26.25 -32.35
CA LEU A 410 -26.83 -25.40 -32.16
C LEU A 410 -27.24 -23.99 -31.74
N TRP A 411 -28.26 -23.44 -32.40
CA TRP A 411 -28.69 -22.06 -32.17
C TRP A 411 -29.19 -21.88 -30.73
N GLN A 412 -30.02 -22.81 -30.25
CA GLN A 412 -30.60 -22.70 -28.91
C GLN A 412 -29.53 -22.93 -27.84
N VAL A 413 -28.65 -23.92 -28.06
CA VAL A 413 -27.53 -24.18 -27.14
C VAL A 413 -26.66 -22.93 -27.02
N GLN A 414 -26.26 -22.36 -28.17
CA GLN A 414 -25.42 -21.17 -28.24
C GLN A 414 -26.08 -20.00 -27.51
N MET A 415 -27.35 -19.72 -27.87
CA MET A 415 -28.02 -18.51 -27.40
C MET A 415 -28.31 -18.59 -25.91
N HIS A 416 -28.69 -19.77 -25.40
CA HIS A 416 -28.94 -19.95 -23.97
C HIS A 416 -27.64 -19.79 -23.17
N TYR A 417 -26.58 -20.47 -23.63
CA TYR A 417 -25.25 -20.40 -23.03
C TYR A 417 -24.76 -18.94 -22.97
N GLU A 418 -24.85 -18.25 -24.10
CA GLU A 418 -24.32 -16.90 -24.24
C GLU A 418 -25.13 -15.90 -23.41
N MET A 419 -26.47 -16.00 -23.45
CA MET A 419 -27.31 -15.07 -22.71
C MET A 419 -27.11 -15.22 -21.19
N LEU A 420 -26.87 -16.46 -20.73
CA LEU A 420 -26.62 -16.71 -19.30
C LEU A 420 -25.31 -16.06 -18.87
N PHE A 421 -24.24 -16.29 -19.62
CA PHE A 421 -22.92 -15.80 -19.20
C PHE A 421 -22.77 -14.29 -19.45
N ASN A 422 -23.34 -13.79 -20.55
CA ASN A 422 -23.33 -12.35 -20.84
C ASN A 422 -24.10 -11.59 -19.76
N SER A 423 -25.16 -12.20 -19.20
CA SER A 423 -25.97 -11.53 -18.20
C SER A 423 -25.27 -11.54 -16.83
N PHE A 424 -24.78 -12.71 -16.40
CA PHE A 424 -24.19 -12.85 -15.07
C PHE A 424 -22.73 -12.39 -15.01
N GLN A 425 -22.12 -12.03 -16.16
CA GLN A 425 -20.74 -11.53 -16.19
C GLN A 425 -20.58 -10.30 -15.30
N GLY A 426 -21.54 -9.37 -15.37
CA GLY A 426 -21.58 -8.16 -14.55
C GLY A 426 -21.48 -8.45 -13.05
N PHE A 427 -22.38 -9.31 -12.57
CA PHE A 427 -22.42 -9.72 -11.17
C PHE A 427 -21.13 -10.45 -10.76
N PHE A 428 -20.54 -11.22 -11.68
CA PHE A 428 -19.33 -11.99 -11.37
C PHE A 428 -18.12 -11.06 -11.23
N VAL A 429 -17.98 -10.09 -12.14
CA VAL A 429 -16.86 -9.16 -12.11
C VAL A 429 -17.08 -8.11 -11.01
N ALA A 430 -18.31 -8.03 -10.48
CA ALA A 430 -18.58 -7.25 -9.27
C ALA A 430 -18.05 -7.97 -8.03
N ILE A 431 -18.53 -9.21 -7.82
CA ILE A 431 -18.26 -9.97 -6.60
C ILE A 431 -16.77 -10.33 -6.49
N ILE A 432 -16.16 -10.78 -7.60
CA ILE A 432 -14.80 -11.30 -7.58
C ILE A 432 -13.79 -10.19 -7.29
N TYR A 433 -14.02 -8.99 -7.81
CA TYR A 433 -13.01 -7.93 -7.80
C TYR A 433 -13.28 -6.82 -6.78
N CYS A 434 -14.54 -6.42 -6.58
CA CYS A 434 -14.82 -5.28 -5.70
C CYS A 434 -15.14 -5.74 -4.28
N PHE A 435 -16.06 -6.69 -4.13
CA PHE A 435 -16.51 -7.15 -2.82
C PHE A 435 -15.40 -7.95 -2.10
N CYS A 436 -14.68 -8.79 -2.84
CA CYS A 436 -13.72 -9.73 -2.23
C CYS A 436 -12.31 -9.14 -2.10
N ASN A 437 -12.11 -7.89 -2.55
CA ASN A 437 -10.80 -7.24 -2.44
C ASN A 437 -10.46 -7.01 -0.96
N GLY A 438 -9.20 -7.31 -0.60
CA GLY A 438 -8.73 -7.19 0.78
C GLY A 438 -8.70 -5.75 1.29
N GLU A 439 -8.19 -4.83 0.46
CA GLU A 439 -8.05 -3.43 0.83
C GLU A 439 -9.43 -2.77 1.04
N VAL A 440 -10.41 -3.13 0.19
CA VAL A 440 -11.77 -2.62 0.30
C VAL A 440 -12.39 -3.06 1.63
N GLN A 441 -12.23 -4.35 1.96
CA GLN A 441 -12.73 -4.92 3.21
C GLN A 441 -12.08 -4.22 4.41
N ALA A 442 -10.76 -4.01 4.35
CA ALA A 442 -10.02 -3.33 5.40
C ALA A 442 -10.57 -1.92 5.65
N GLU A 443 -10.74 -1.15 4.56
CA GLU A 443 -11.27 0.21 4.61
C GLU A 443 -12.67 0.23 5.24
N ILE A 444 -13.54 -0.67 4.79
CA ILE A 444 -14.92 -0.78 5.30
C ILE A 444 -14.91 -1.07 6.81
N LYS A 445 -14.06 -2.02 7.23
CA LYS A 445 -13.92 -2.40 8.64
C LYS A 445 -13.47 -1.20 9.49
N LYS A 446 -12.46 -0.46 9.00
CA LYS A 446 -11.94 0.70 9.71
C LYS A 446 -13.00 1.81 9.83
N SER A 447 -13.75 2.04 8.74
CA SER A 447 -14.81 3.04 8.73
C SER A 447 -15.93 2.65 9.70
N TRP A 448 -16.27 1.35 9.74
CA TRP A 448 -17.27 0.82 10.65
C TRP A 448 -16.81 0.98 12.11
N SER A 449 -15.52 0.74 12.36
CA SER A 449 -14.94 0.89 13.69
C SER A 449 -15.01 2.35 14.15
N ARG A 450 -14.74 3.28 13.24
CA ARG A 450 -14.83 4.71 13.52
C ARG A 450 -16.27 5.11 13.86
N TRP A 451 -17.24 4.54 13.12
CA TRP A 451 -18.65 4.82 13.34
C TRP A 451 -19.09 4.33 14.73
N THR A 452 -18.64 3.14 15.12
CA THR A 452 -18.95 2.57 16.43
C THR A 452 -18.33 3.41 17.55
N LEU A 453 -17.08 3.82 17.38
CA LEU A 453 -16.38 4.65 18.36
C LEU A 453 -17.07 6.02 18.49
N ALA A 454 -17.58 6.55 17.37
CA ALA A 454 -18.27 7.84 17.36
C ALA A 454 -19.58 7.76 18.14
N LEU A 455 -20.28 6.61 18.08
CA LEU A 455 -21.58 6.45 18.76
C LEU A 455 -21.45 6.32 20.29
N ASP A 456 -20.26 6.44 20.89
CA ASP A 456 -20.09 6.29 22.34
C ASP A 456 -20.63 7.54 23.05
N PHE A 457 -21.63 7.35 23.91
CA PHE A 457 -22.19 8.43 24.73
C PHE A 457 -21.79 8.22 26.20
N ALA B 1 -20.23 -14.51 -34.03
CA ALA B 1 -20.60 -13.08 -33.91
C ALA B 1 -21.01 -12.76 -32.47
N VAL B 2 -21.32 -11.48 -32.24
CA VAL B 2 -21.79 -11.01 -30.95
C VAL B 2 -23.20 -11.54 -30.74
N ALA B 3 -23.42 -12.19 -29.59
CA ALA B 3 -24.66 -12.93 -29.31
C ALA B 3 -25.86 -11.99 -29.27
N GLU B 4 -25.70 -10.82 -28.64
CA GLU B 4 -26.80 -9.86 -28.51
C GLU B 4 -27.15 -9.25 -29.87
N ILE B 5 -26.13 -9.01 -30.69
CA ILE B 5 -26.35 -8.48 -32.05
C ILE B 5 -26.97 -9.56 -32.93
N GLN B 6 -26.46 -10.80 -32.82
CA GLN B 6 -27.01 -11.96 -33.52
C GLN B 6 -28.49 -12.15 -33.14
N LEU B 7 -28.77 -12.03 -31.83
CA LEU B 7 -30.12 -12.17 -31.29
C LEU B 7 -31.03 -11.07 -31.84
N MET B 8 -30.49 -9.84 -31.94
CA MET B 8 -31.24 -8.71 -32.48
C MET B 8 -31.66 -8.97 -33.93
N HIS B 9 -30.73 -9.46 -34.75
CA HIS B 9 -31.01 -9.72 -36.17
C HIS B 9 -32.01 -10.87 -36.33
N GLN B 10 -31.87 -11.93 -35.52
CA GLN B 10 -32.79 -13.07 -35.58
C GLN B 10 -34.19 -12.65 -35.13
N ARG B 11 -34.26 -11.83 -34.07
CA ARG B 11 -35.53 -11.32 -33.55
C ARG B 11 -36.17 -10.38 -34.56
N ALA B 12 -35.37 -9.50 -35.18
CA ALA B 12 -35.85 -8.55 -36.17
C ALA B 12 -36.41 -9.27 -37.39
N LYS B 13 -35.72 -10.34 -37.84
CA LYS B 13 -36.18 -11.15 -38.97
C LYS B 13 -37.51 -11.83 -38.62
N TRP B 14 -37.62 -12.32 -37.39
CA TRP B 14 -38.85 -12.98 -36.94
C TRP B 14 -40.02 -12.00 -36.86
N ILE B 15 -39.79 -10.82 -36.27
CA ILE B 15 -40.82 -9.81 -36.04
C ILE B 15 -41.38 -9.29 -37.36
N GLN B 16 -40.51 -9.00 -38.33
CA GLN B 16 -40.95 -8.42 -39.61
C GLN B 16 -41.73 -9.43 -40.46
N ASP B 17 -42.96 -9.72 -40.01
CA ASP B 17 -43.90 -10.60 -40.71
C ASP B 17 -45.32 -10.30 -40.23
N ALA B 18 -45.66 -9.02 -40.04
CA ALA B 18 -46.99 -8.63 -39.57
C ALA B 18 -47.91 -8.20 -40.72
N ARG B 19 -47.34 -7.82 -41.88
CA ARG B 19 -48.18 -7.41 -43.00
C ARG B 19 -48.85 -8.62 -43.64
N ARG B 20 -48.05 -9.64 -43.96
CA ARG B 20 -48.55 -10.86 -44.64
C ARG B 20 -49.53 -11.60 -43.71
N ARG B 21 -49.22 -11.63 -42.42
CA ARG B 21 -50.04 -12.32 -41.43
C ARG B 21 -51.35 -11.58 -41.17
N ALA B 22 -51.29 -10.24 -41.05
CA ALA B 22 -52.49 -9.45 -40.78
C ALA B 22 -53.37 -9.32 -42.02
N PHE B 23 -52.74 -9.27 -43.20
CA PHE B 23 -53.47 -9.09 -44.46
C PHE B 23 -54.20 -10.36 -44.90
N LEU B 24 -53.62 -11.54 -44.70
CA LEU B 24 -54.24 -12.75 -45.24
C LEU B 24 -55.43 -13.23 -44.41
N HIS B 25 -55.39 -13.09 -43.07
CA HIS B 25 -56.53 -13.56 -42.28
C HIS B 25 -56.90 -12.55 -41.20
N LYS B 26 -57.69 -11.55 -41.63
CA LYS B 26 -58.21 -10.44 -40.81
C LYS B 26 -59.35 -10.91 -39.87
N LEU B 27 -59.84 -12.14 -40.06
CA LEU B 27 -60.97 -12.67 -39.29
C LEU B 27 -60.63 -12.80 -37.79
N ILE B 28 -59.42 -13.25 -37.45
CA ILE B 28 -59.01 -13.33 -36.04
C ILE B 28 -58.93 -11.92 -35.45
N ALA B 29 -58.43 -10.97 -36.24
CA ALA B 29 -58.30 -9.57 -35.81
C ALA B 29 -59.68 -8.97 -35.55
N GLU B 30 -60.60 -9.15 -36.50
CA GLU B 30 -61.94 -8.57 -36.45
C GLU B 30 -62.81 -9.34 -35.45
N ASP C 11 -5.11 44.98 -2.91
CA ASP C 11 -4.04 44.52 -1.99
C ASP C 11 -4.38 43.15 -1.40
N GLN C 12 -5.59 43.05 -0.84
CA GLN C 12 -6.09 41.77 -0.33
C GLN C 12 -6.41 40.80 -1.48
N ARG C 13 -6.69 41.34 -2.68
CA ARG C 13 -6.96 40.52 -3.86
C ARG C 13 -5.65 40.13 -4.55
N ASN C 14 -4.69 41.06 -4.59
CA ASN C 14 -3.42 40.85 -5.28
C ASN C 14 -2.62 39.73 -4.62
N GLU C 15 -2.60 39.71 -3.27
CA GLU C 15 -1.94 38.65 -2.52
C GLU C 15 -2.63 37.30 -2.75
N GLU C 16 -3.96 37.32 -2.85
CA GLU C 16 -4.75 36.09 -3.04
C GLU C 16 -4.79 35.65 -4.51
N LYS C 17 -4.11 36.41 -5.39
CA LYS C 17 -3.88 36.00 -6.78
C LYS C 17 -2.43 35.54 -6.95
N ALA C 18 -1.51 36.27 -6.31
CA ALA C 18 -0.07 35.96 -6.34
C ALA C 18 0.19 34.58 -5.71
N GLN C 19 -0.49 34.28 -4.59
CA GLN C 19 -0.29 33.01 -3.91
C GLN C 19 -0.93 31.87 -4.70
N ARG C 20 -2.00 32.15 -5.46
CA ARG C 20 -2.59 31.14 -6.35
C ARG C 20 -1.60 30.78 -7.47
N GLU C 21 -0.93 31.80 -8.02
CA GLU C 21 0.03 31.58 -9.10
C GLU C 21 1.29 30.87 -8.57
N ALA C 22 1.73 31.25 -7.36
CA ALA C 22 2.85 30.58 -6.71
C ALA C 22 2.52 29.10 -6.45
N ASN C 23 1.28 28.84 -6.02
CA ASN C 23 0.78 27.48 -5.79
C ASN C 23 0.81 26.68 -7.09
N LYS C 24 0.33 27.29 -8.19
CA LYS C 24 0.24 26.60 -9.48
C LYS C 24 1.63 26.31 -10.04
N LYS C 25 2.59 27.23 -9.85
CA LYS C 25 3.97 27.02 -10.32
C LYS C 25 4.63 25.88 -9.55
N ILE C 26 4.43 25.85 -8.22
CA ILE C 26 4.97 24.78 -7.38
C ILE C 26 4.31 23.45 -7.74
N GLU C 27 3.00 23.48 -8.04
CA GLU C 27 2.25 22.29 -8.45
C GLU C 27 2.81 21.75 -9.77
N LYS C 28 3.11 22.64 -10.73
CA LYS C 28 3.67 22.24 -12.02
C LYS C 28 5.06 21.61 -11.83
N GLN C 29 5.86 22.16 -10.91
CA GLN C 29 7.19 21.63 -10.63
C GLN C 29 7.09 20.24 -9.99
N LEU C 30 6.12 20.07 -9.08
CA LEU C 30 5.91 18.77 -8.41
C LEU C 30 5.27 17.75 -9.35
N GLN C 31 4.61 18.18 -10.43
CA GLN C 31 4.01 17.24 -11.37
C GLN C 31 5.05 16.73 -12.38
N LYS C 32 6.22 17.36 -12.42
CA LYS C 32 7.35 16.85 -13.21
C LYS C 32 8.28 16.04 -12.32
N ASP C 33 8.34 16.38 -11.03
CA ASP C 33 9.20 15.67 -10.10
C ASP C 33 8.52 14.40 -9.60
N LYS C 34 7.19 14.41 -9.47
CA LYS C 34 6.44 13.20 -9.12
C LYS C 34 6.65 12.16 -10.21
N GLN C 35 6.64 12.61 -11.48
CA GLN C 35 6.82 11.75 -12.64
C GLN C 35 8.21 11.12 -12.64
N VAL C 36 9.24 11.90 -12.28
CA VAL C 36 10.60 11.39 -12.21
C VAL C 36 10.74 10.41 -11.04
N TYR C 37 10.22 10.79 -9.87
CA TYR C 37 10.35 10.02 -8.63
C TYR C 37 9.68 8.64 -8.73
N ARG C 38 8.52 8.55 -9.37
CA ARG C 38 7.81 7.27 -9.45
C ARG C 38 8.45 6.33 -10.49
N ALA C 39 9.13 6.87 -11.49
CA ALA C 39 9.73 6.06 -12.56
C ALA C 39 10.99 5.36 -12.09
N THR C 40 11.89 6.09 -11.42
CA THR C 40 13.19 5.57 -10.99
C THR C 40 13.02 4.59 -9.84
N HIS C 41 13.75 3.47 -9.91
CA HIS C 41 13.79 2.46 -8.86
C HIS C 41 14.97 2.70 -7.92
N ARG C 42 14.85 2.20 -6.69
CA ARG C 42 15.83 2.44 -5.62
C ARG C 42 16.33 1.12 -5.04
N LEU C 43 17.66 1.04 -4.88
CA LEU C 43 18.35 -0.12 -4.32
C LEU C 43 19.17 0.32 -3.10
N LEU C 44 19.14 -0.51 -2.06
CA LEU C 44 20.00 -0.32 -0.89
C LEU C 44 21.11 -1.36 -0.91
N LEU C 45 22.36 -0.90 -1.07
CA LEU C 45 23.51 -1.79 -1.08
C LEU C 45 24.04 -1.98 0.34
N LEU C 46 23.44 -2.93 1.06
CA LEU C 46 23.84 -3.26 2.42
C LEU C 46 24.77 -4.46 2.37
N GLY C 47 25.97 -4.32 2.95
CA GLY C 47 26.95 -5.39 2.98
C GLY C 47 27.95 -5.24 4.10
N ALA C 48 28.64 -6.35 4.39
CA ALA C 48 29.70 -6.37 5.40
C ALA C 48 30.96 -5.68 4.87
N GLY C 49 31.86 -5.34 5.80
CA GLY C 49 33.11 -4.67 5.46
C GLY C 49 34.08 -5.60 4.76
N GLU C 50 34.17 -6.85 5.24
CA GLU C 50 34.96 -7.92 4.63
C GLU C 50 34.57 -8.11 3.17
N SER C 51 33.27 -8.03 2.89
CA SER C 51 32.69 -8.24 1.57
C SER C 51 33.06 -7.10 0.61
N GLY C 52 33.11 -7.43 -0.68
CA GLY C 52 33.44 -6.52 -1.78
C GLY C 52 32.23 -5.71 -2.20
N LYS C 53 32.03 -4.59 -1.51
CA LYS C 53 30.92 -3.67 -1.75
C LYS C 53 31.26 -2.62 -2.81
N SER C 54 32.51 -2.58 -3.27
CA SER C 54 32.93 -1.59 -4.26
C SER C 54 32.34 -1.92 -5.63
N THR C 55 32.37 -3.19 -6.02
CA THR C 55 31.77 -3.66 -7.27
C THR C 55 30.27 -3.44 -7.27
N THR C 189 31.82 12.33 4.07
CA THR C 189 30.38 12.33 4.32
C THR C 189 29.96 11.00 4.94
N GLY C 190 28.64 10.77 5.01
CA GLY C 190 28.08 9.61 5.68
C GLY C 190 27.62 8.52 4.72
N ILE C 191 26.88 8.91 3.69
CA ILE C 191 26.33 7.98 2.71
C ILE C 191 26.91 8.28 1.33
N PHE C 192 27.12 7.22 0.54
CA PHE C 192 27.62 7.33 -0.82
C PHE C 192 26.50 6.94 -1.78
N GLU C 193 26.58 7.44 -3.02
CA GLU C 193 25.52 7.27 -3.99
C GLU C 193 26.12 6.98 -5.36
N THR C 194 25.54 5.98 -6.05
CA THR C 194 25.84 5.66 -7.43
C THR C 194 24.57 5.85 -8.26
N LYS C 195 24.69 6.59 -9.36
CA LYS C 195 23.59 6.83 -10.28
C LYS C 195 23.99 6.30 -11.66
N PHE C 196 23.20 5.37 -12.18
CA PHE C 196 23.44 4.79 -13.50
C PHE C 196 22.11 4.42 -14.14
N GLN C 197 22.18 3.86 -15.35
CA GLN C 197 20.98 3.43 -16.06
C GLN C 197 21.31 2.20 -16.92
N VAL C 198 20.30 1.33 -17.05
CA VAL C 198 20.35 0.13 -17.87
C VAL C 198 19.05 0.03 -18.66
N ASP C 199 19.17 -0.10 -19.99
CA ASP C 199 18.04 -0.24 -20.92
C ASP C 199 17.06 0.92 -20.77
N LYS C 200 17.62 2.13 -20.66
CA LYS C 200 16.88 3.39 -20.48
C LYS C 200 15.99 3.31 -19.23
N VAL C 201 16.54 2.73 -18.16
CA VAL C 201 15.90 2.66 -16.85
C VAL C 201 16.93 3.10 -15.81
N ASN C 202 16.57 4.08 -14.98
CA ASN C 202 17.48 4.69 -14.04
C ASN C 202 17.52 3.88 -12.74
N PHE C 203 18.74 3.70 -12.20
CA PHE C 203 18.97 3.00 -10.94
C PHE C 203 19.87 3.85 -10.06
N HIS C 204 19.36 4.17 -8.86
CA HIS C 204 20.15 4.75 -7.79
C HIS C 204 20.48 3.68 -6.77
N MET C 205 21.79 3.52 -6.49
CA MET C 205 22.28 2.54 -5.52
C MET C 205 23.00 3.29 -4.41
N PHE C 206 22.62 3.00 -3.15
CA PHE C 206 23.05 3.76 -1.99
C PHE C 206 23.96 2.89 -1.12
N ASP C 207 25.21 3.32 -0.97
CA ASP C 207 26.20 2.63 -0.15
C ASP C 207 26.24 3.29 1.24
N VAL C 208 25.94 2.50 2.26
CA VAL C 208 26.03 2.96 3.64
C VAL C 208 27.50 3.03 4.03
N GLY C 209 27.97 4.25 4.36
CA GLY C 209 29.38 4.50 4.61
C GLY C 209 29.74 4.47 6.09
N GLY C 210 30.32 5.57 6.56
CA GLY C 210 30.80 5.68 7.93
C GLY C 210 29.70 5.97 8.92
N GLN C 211 28.88 4.95 9.21
CA GLN C 211 27.80 5.05 10.19
C GLN C 211 28.24 4.33 11.48
N ARG C 212 27.35 4.33 12.47
CA ARG C 212 27.54 3.58 13.71
C ARG C 212 26.95 2.19 13.53
N ASP C 213 27.48 1.23 14.31
CA ASP C 213 27.12 -0.19 14.20
C ASP C 213 25.68 -0.47 14.66
N GLU C 214 25.01 0.48 15.31
CA GLU C 214 23.64 0.28 15.78
C GLU C 214 22.67 0.67 14.67
N ARG C 215 22.06 -0.34 14.04
CA ARG C 215 21.26 -0.18 12.83
C ARG C 215 19.77 0.02 13.12
N ARG C 216 19.34 -0.22 14.37
CA ARG C 216 17.92 -0.37 14.70
C ARG C 216 17.10 0.90 14.47
N LYS C 217 17.74 2.06 14.34
CA LYS C 217 17.01 3.32 14.17
C LYS C 217 17.01 3.81 12.72
N TRP C 218 18.19 3.95 12.11
CA TRP C 218 18.31 4.59 10.80
C TRP C 218 17.83 3.68 9.66
N ILE C 219 17.72 2.37 9.89
CA ILE C 219 17.29 1.43 8.84
C ILE C 219 15.80 1.60 8.53
N GLN C 220 15.04 2.22 9.43
CA GLN C 220 13.60 2.41 9.25
C GLN C 220 13.31 3.50 8.21
N CYS C 221 14.35 4.19 7.73
CA CYS C 221 14.21 5.16 6.65
C CYS C 221 14.24 4.46 5.28
N PHE C 222 14.55 3.17 5.25
CA PHE C 222 14.79 2.45 3.99
C PHE C 222 13.67 1.47 3.65
N ASN C 223 12.48 1.68 4.24
CA ASN C 223 11.31 0.85 3.97
C ASN C 223 10.57 1.27 2.69
N ASP C 224 11.20 2.08 1.82
CA ASP C 224 10.57 2.55 0.59
C ASP C 224 11.43 2.27 -0.65
N VAL C 225 12.62 1.72 -0.47
CA VAL C 225 13.46 1.31 -1.60
C VAL C 225 12.80 0.12 -2.30
N THR C 226 13.14 -0.07 -3.58
CA THR C 226 12.49 -1.12 -4.38
C THR C 226 13.14 -2.48 -4.10
N ALA C 227 14.40 -2.50 -3.70
CA ALA C 227 15.08 -3.75 -3.36
C ALA C 227 16.31 -3.47 -2.48
N ILE C 228 16.58 -4.39 -1.55
CA ILE C 228 17.78 -4.35 -0.73
C ILE C 228 18.75 -5.43 -1.25
N ILE C 229 19.88 -5.00 -1.79
CA ILE C 229 20.92 -5.92 -2.23
C ILE C 229 21.83 -6.23 -1.04
N PHE C 230 21.97 -7.52 -0.73
CA PHE C 230 22.70 -8.01 0.43
C PHE C 230 23.82 -8.91 -0.07
N VAL C 231 25.07 -8.51 0.19
CA VAL C 231 26.25 -9.19 -0.32
C VAL C 231 27.04 -9.74 0.86
N VAL C 232 27.39 -11.03 0.80
CA VAL C 232 28.15 -11.68 1.87
C VAL C 232 29.34 -12.41 1.26
N ALA C 233 30.44 -12.44 2.01
CA ALA C 233 31.70 -13.02 1.59
C ALA C 233 31.91 -14.35 2.33
N SER C 234 31.90 -15.45 1.57
CA SER C 234 32.15 -16.77 2.13
C SER C 234 33.62 -16.90 2.56
N SER C 235 33.83 -17.45 3.75
CA SER C 235 35.17 -17.62 4.31
C SER C 235 35.42 -19.10 4.65
N GLN C 246 40.08 -15.55 13.64
CA GLN C 246 38.89 -15.01 12.98
C GLN C 246 37.62 -15.58 13.62
N THR C 247 36.52 -14.83 13.51
CA THR C 247 35.22 -15.25 14.02
C THR C 247 34.42 -15.93 12.91
N ASN C 248 33.21 -16.37 13.26
CA ASN C 248 32.26 -16.93 12.30
C ASN C 248 31.44 -15.77 11.73
N ARG C 249 31.96 -15.17 10.65
CA ARG C 249 31.32 -14.03 9.99
C ARG C 249 30.03 -14.46 9.30
N LEU C 250 29.99 -15.71 8.82
CA LEU C 250 28.81 -16.26 8.17
C LEU C 250 27.63 -16.33 9.14
N GLN C 251 27.90 -16.71 10.39
CA GLN C 251 26.87 -16.76 11.44
C GLN C 251 26.31 -15.37 11.73
N GLU C 252 27.18 -14.35 11.70
CA GLU C 252 26.75 -12.97 11.88
C GLU C 252 25.88 -12.52 10.70
N ALA C 253 26.23 -12.97 9.49
CA ALA C 253 25.44 -12.71 8.29
C ALA C 253 24.07 -13.39 8.39
N LEU C 254 24.04 -14.62 8.90
CA LEU C 254 22.79 -15.37 9.12
C LEU C 254 21.89 -14.60 10.09
N ASN C 255 22.46 -14.11 11.19
CA ASN C 255 21.71 -13.41 12.22
C ASN C 255 21.20 -12.06 11.71
N LEU C 256 22.01 -11.37 10.90
CA LEU C 256 21.63 -10.08 10.34
C LEU C 256 20.48 -10.25 9.34
N PHE C 257 20.59 -11.27 8.47
CA PHE C 257 19.54 -11.58 7.50
C PHE C 257 18.25 -11.99 8.21
N LYS C 258 18.38 -12.73 9.32
CA LYS C 258 17.25 -13.13 10.15
C LYS C 258 16.53 -11.90 10.71
N SER C 259 17.31 -10.93 11.22
CA SER C 259 16.76 -9.71 11.80
C SER C 259 16.10 -8.84 10.73
N ILE C 260 16.70 -8.78 9.55
CA ILE C 260 16.15 -8.02 8.41
C ILE C 260 14.81 -8.64 7.99
N TRP C 261 14.76 -9.97 7.90
CA TRP C 261 13.59 -10.70 7.42
C TRP C 261 12.40 -10.54 8.38
N ASN C 262 12.66 -10.69 9.68
CA ASN C 262 11.60 -10.72 10.69
C ASN C 262 11.10 -9.32 11.05
N ASN C 263 11.86 -8.28 10.69
CA ASN C 263 11.52 -6.88 11.02
C ASN C 263 10.14 -6.53 10.48
N ARG C 264 9.36 -5.81 11.29
CA ARG C 264 7.97 -5.46 10.98
C ARG C 264 7.91 -4.52 9.78
N TRP C 265 8.79 -3.52 9.75
CA TRP C 265 8.77 -2.45 8.75
C TRP C 265 9.50 -2.84 7.47
N LEU C 266 10.09 -4.04 7.43
CA LEU C 266 10.78 -4.55 6.25
C LEU C 266 10.15 -5.86 5.79
N ARG C 267 8.83 -5.94 5.83
CA ARG C 267 8.08 -7.10 5.37
C ARG C 267 7.60 -6.92 3.92
N THR C 268 7.59 -5.69 3.43
CA THR C 268 7.13 -5.38 2.07
C THR C 268 8.30 -5.04 1.14
N ILE C 269 9.52 -5.29 1.60
CA ILE C 269 10.73 -5.03 0.81
C ILE C 269 11.40 -6.36 0.49
N SER C 270 11.81 -6.53 -0.77
CA SER C 270 12.45 -7.75 -1.24
C SER C 270 13.96 -7.64 -1.09
N VAL C 271 14.62 -8.80 -0.98
CA VAL C 271 16.05 -8.90 -0.76
C VAL C 271 16.67 -9.66 -1.93
N ILE C 272 17.69 -9.06 -2.55
CA ILE C 272 18.53 -9.71 -3.55
C ILE C 272 19.83 -10.12 -2.86
N LEU C 273 20.27 -11.36 -3.08
CA LEU C 273 21.33 -11.97 -2.28
C LEU C 273 22.49 -12.40 -3.16
N PHE C 274 23.68 -11.88 -2.85
CA PHE C 274 24.92 -12.25 -3.53
C PHE C 274 25.84 -13.00 -2.57
N LEU C 275 26.34 -14.15 -3.05
CA LEU C 275 27.35 -14.94 -2.33
C LEU C 275 28.70 -14.71 -3.01
N ASN C 276 29.56 -13.93 -2.33
CA ASN C 276 30.83 -13.49 -2.88
C ASN C 276 31.95 -14.43 -2.41
N LYS C 277 33.14 -14.28 -3.01
CA LYS C 277 34.37 -15.00 -2.65
C LYS C 277 34.21 -16.51 -2.89
N GLN C 278 33.65 -16.85 -4.06
CA GLN C 278 33.49 -18.25 -4.47
C GLN C 278 34.85 -18.89 -4.80
N ASP C 279 35.88 -18.07 -5.01
CA ASP C 279 37.23 -18.55 -5.31
C ASP C 279 37.91 -18.99 -4.02
N LEU C 280 37.68 -18.25 -2.92
CA LEU C 280 38.26 -18.58 -1.61
C LEU C 280 37.71 -19.91 -1.11
N LEU C 281 36.46 -20.23 -1.45
CA LEU C 281 35.85 -21.52 -1.12
C LEU C 281 36.60 -22.66 -1.80
N ALA C 282 37.00 -22.45 -3.07
CA ALA C 282 37.82 -23.41 -3.81
C ALA C 282 39.18 -23.58 -3.13
N GLU C 283 39.75 -22.48 -2.62
CA GLU C 283 41.04 -22.49 -1.94
C GLU C 283 40.95 -23.15 -0.55
N LYS C 284 39.74 -23.33 -0.02
CA LYS C 284 39.53 -23.89 1.32
C LYS C 284 39.27 -25.40 1.29
N VAL C 285 39.31 -26.02 0.10
CA VAL C 285 39.01 -27.45 -0.01
C VAL C 285 40.20 -28.29 0.50
N LEU C 286 41.41 -27.70 0.52
CA LEU C 286 42.60 -28.40 1.00
C LEU C 286 42.95 -28.04 2.44
N ALA C 287 42.16 -27.16 3.07
CA ALA C 287 42.41 -26.73 4.44
C ALA C 287 41.09 -26.49 5.17
N ILE C 292 34.16 -23.72 8.07
CA ILE C 292 33.91 -24.79 7.10
C ILE C 292 33.05 -25.85 7.82
N GLU C 293 33.50 -27.10 7.79
CA GLU C 293 32.83 -28.25 8.41
C GLU C 293 32.83 -28.17 9.93
N ASP C 294 33.84 -27.53 10.52
CA ASP C 294 34.02 -27.46 11.97
C ASP C 294 32.89 -26.67 12.64
N TYR C 295 32.49 -25.53 12.06
CA TYR C 295 31.49 -24.68 12.69
C TYR C 295 30.05 -25.10 12.36
N PHE C 296 29.86 -26.08 11.49
CA PHE C 296 28.52 -26.57 11.14
C PHE C 296 28.47 -28.09 11.27
N PRO C 297 27.69 -28.61 12.23
CA PRO C 297 27.52 -30.07 12.38
C PRO C 297 26.53 -30.71 11.40
N GLU C 298 25.93 -29.91 10.51
CA GLU C 298 24.87 -30.39 9.61
C GLU C 298 25.37 -30.54 8.18
N PHE C 299 26.62 -30.19 7.91
CA PHE C 299 27.18 -30.28 6.55
C PHE C 299 27.30 -31.74 6.11
N ALA C 300 27.57 -32.65 7.05
CA ALA C 300 27.74 -34.06 6.73
C ALA C 300 26.40 -34.69 6.32
N ARG C 301 25.35 -34.39 7.09
CA ARG C 301 23.98 -34.86 6.81
C ARG C 301 23.33 -33.91 5.79
N TYR C 302 23.88 -33.86 4.58
CA TYR C 302 23.40 -32.99 3.52
C TYR C 302 23.81 -33.55 2.15
N THR C 303 22.89 -33.54 1.20
CA THR C 303 23.17 -33.99 -0.16
C THR C 303 22.99 -32.83 -1.14
N THR C 304 23.68 -32.93 -2.27
CA THR C 304 23.67 -31.90 -3.31
C THR C 304 22.35 -31.97 -4.09
N PRO C 305 21.70 -30.82 -4.37
CA PRO C 305 20.44 -30.81 -5.14
C PRO C 305 20.50 -31.54 -6.48
N GLU C 306 19.49 -32.39 -6.73
CA GLU C 306 19.24 -33.01 -8.03
C GLU C 306 18.79 -31.99 -9.08
N ASP C 307 18.27 -30.83 -8.66
CA ASP C 307 17.65 -29.87 -9.58
C ASP C 307 18.47 -28.58 -9.76
N ALA C 308 19.68 -28.54 -9.20
CA ALA C 308 20.60 -27.41 -9.41
C ALA C 308 21.83 -27.92 -10.16
N THR C 309 21.97 -27.46 -11.41
CA THR C 309 23.04 -27.92 -12.30
C THR C 309 24.36 -27.25 -11.96
N PRO C 310 25.48 -28.00 -11.90
CA PRO C 310 26.80 -27.42 -11.65
C PRO C 310 27.56 -27.06 -12.93
N GLU C 311 28.25 -25.91 -12.91
CA GLU C 311 29.05 -25.41 -14.03
C GLU C 311 30.28 -26.30 -14.22
N PRO C 312 30.84 -26.40 -15.45
CA PRO C 312 32.00 -27.28 -15.69
C PRO C 312 33.25 -26.85 -14.92
N GLY C 313 34.01 -27.85 -14.45
CA GLY C 313 35.33 -27.62 -13.88
C GLY C 313 35.30 -27.28 -12.40
N GLU C 314 34.22 -27.64 -11.71
CA GLU C 314 34.04 -27.34 -10.30
C GLU C 314 34.09 -28.64 -9.48
N ASP C 315 34.90 -28.64 -8.43
CA ASP C 315 34.98 -29.73 -7.46
C ASP C 315 33.62 -29.89 -6.79
N PRO C 316 32.94 -31.05 -6.94
CA PRO C 316 31.62 -31.27 -6.33
C PRO C 316 31.47 -30.93 -4.85
N ARG C 317 32.57 -31.02 -4.08
CA ARG C 317 32.57 -30.64 -2.66
C ARG C 317 32.36 -29.12 -2.52
N VAL C 318 32.91 -28.34 -3.45
CA VAL C 318 32.79 -26.88 -3.40
C VAL C 318 31.36 -26.48 -3.75
N THR C 319 30.76 -27.23 -4.70
CA THR C 319 29.36 -27.00 -5.10
C THR C 319 28.42 -27.39 -3.96
N ARG C 320 28.80 -28.42 -3.20
CA ARG C 320 28.04 -28.87 -2.04
C ARG C 320 28.06 -27.79 -0.95
N ALA C 321 29.24 -27.19 -0.73
CA ALA C 321 29.39 -26.09 0.22
C ALA C 321 28.57 -24.87 -0.22
N LYS C 322 28.57 -24.59 -1.53
CA LYS C 322 27.81 -23.48 -2.11
C LYS C 322 26.32 -23.66 -1.82
N TYR C 323 25.79 -24.84 -2.16
CA TYR C 323 24.36 -25.11 -2.05
C TYR C 323 23.94 -25.23 -0.59
N PHE C 324 24.86 -25.68 0.28
CA PHE C 324 24.60 -25.72 1.71
C PHE C 324 24.42 -24.30 2.27
N ILE C 325 25.34 -23.39 1.93
CA ILE C 325 25.26 -21.99 2.36
C ILE C 325 23.97 -21.36 1.84
N ARG C 326 23.64 -21.64 0.57
CA ARG C 326 22.40 -21.15 -0.04
C ARG C 326 21.19 -21.65 0.76
N ASP C 327 21.15 -22.95 1.05
CA ASP C 327 20.02 -23.54 1.77
C ASP C 327 19.93 -23.03 3.20
N GLU C 328 21.06 -22.58 3.77
CA GLU C 328 21.06 -21.98 5.11
C GLU C 328 20.34 -20.63 5.08
N PHE C 329 20.44 -19.92 3.96
CA PHE C 329 19.71 -18.66 3.80
C PHE C 329 18.25 -18.93 3.39
N LEU C 330 18.02 -20.01 2.65
CA LEU C 330 16.68 -20.35 2.16
C LEU C 330 15.77 -20.81 3.30
N ARG C 331 16.32 -21.58 4.25
CA ARG C 331 15.54 -22.03 5.41
C ARG C 331 15.08 -20.84 6.26
N ILE C 332 15.92 -19.81 6.35
CA ILE C 332 15.57 -18.58 7.06
C ILE C 332 14.47 -17.83 6.31
N SER C 333 14.58 -17.77 4.97
CA SER C 333 13.64 -17.01 4.15
C SER C 333 12.28 -17.70 4.05
N THR C 334 12.24 -19.03 4.18
CA THR C 334 10.99 -19.79 4.10
C THR C 334 10.37 -20.02 5.48
N ALA C 335 11.07 -19.63 6.55
CA ALA C 335 10.60 -19.85 7.92
C ALA C 335 9.33 -19.04 8.21
N SER C 336 9.24 -17.81 7.67
CA SER C 336 8.06 -16.97 7.88
C SER C 336 7.95 -15.94 6.75
N GLY C 337 6.74 -15.37 6.63
CA GLY C 337 6.44 -14.25 5.74
C GLY C 337 6.88 -14.44 4.30
N ASP C 338 6.50 -15.58 3.71
CA ASP C 338 6.82 -15.87 2.31
C ASP C 338 5.93 -15.05 1.37
N GLY C 339 4.63 -14.96 1.70
CA GLY C 339 3.61 -14.30 0.89
C GLY C 339 3.92 -12.86 0.53
N ARG C 340 4.44 -12.09 1.50
CA ARG C 340 4.63 -10.65 1.35
C ARG C 340 5.87 -10.31 0.52
N HIS C 341 6.99 -11.00 0.77
CA HIS C 341 8.25 -10.67 0.10
C HIS C 341 9.09 -11.93 -0.12
N TYR C 342 9.99 -11.86 -1.10
CA TYR C 342 10.78 -13.01 -1.55
C TYR C 342 12.27 -12.71 -1.42
N CYS C 343 13.06 -13.78 -1.47
CA CYS C 343 14.52 -13.73 -1.41
C CYS C 343 15.10 -14.38 -2.67
N TYR C 344 15.99 -13.64 -3.35
CA TYR C 344 16.57 -14.08 -4.62
C TYR C 344 18.07 -14.31 -4.47
N PRO C 345 18.52 -15.55 -4.25
CA PRO C 345 19.95 -15.83 -4.12
C PRO C 345 20.65 -16.01 -5.47
N HIS C 346 21.88 -15.52 -5.55
CA HIS C 346 22.70 -15.62 -6.75
C HIS C 346 24.13 -15.98 -6.35
N PHE C 347 24.97 -16.22 -7.38
CA PHE C 347 26.39 -16.44 -7.22
C PHE C 347 27.16 -15.36 -7.96
N THR C 348 28.35 -15.03 -7.46
CA THR C 348 29.21 -14.05 -8.11
C THR C 348 30.67 -14.35 -7.78
N CYS C 349 31.55 -14.07 -8.74
CA CYS C 349 32.99 -14.14 -8.55
C CYS C 349 33.49 -12.83 -7.95
N ALA C 350 34.78 -12.80 -7.60
CA ALA C 350 35.43 -11.59 -7.11
C ALA C 350 35.47 -10.52 -8.22
N VAL C 351 35.65 -10.97 -9.47
CA VAL C 351 35.58 -10.10 -10.64
C VAL C 351 34.52 -10.67 -11.59
N ASP C 352 33.42 -9.94 -11.77
CA ASP C 352 32.32 -10.37 -12.63
C ASP C 352 31.57 -9.13 -13.12
N THR C 353 30.91 -9.26 -14.28
CA THR C 353 30.27 -8.15 -14.96
C THR C 353 28.78 -8.36 -15.22
N GLU C 354 28.30 -9.60 -15.11
CA GLU C 354 26.89 -9.94 -15.37
C GLU C 354 25.97 -9.48 -14.24
N ASN C 355 26.56 -9.15 -13.07
CA ASN C 355 25.84 -8.81 -11.84
C ASN C 355 24.75 -7.75 -12.08
N ILE C 356 25.07 -6.71 -12.86
CA ILE C 356 24.15 -5.60 -13.11
C ILE C 356 22.92 -6.11 -13.89
N ARG C 357 23.16 -6.98 -14.87
CA ARG C 357 22.09 -7.61 -15.65
C ARG C 357 21.21 -8.48 -14.75
N ARG C 358 21.84 -9.18 -13.79
CA ARG C 358 21.14 -10.03 -12.83
C ARG C 358 20.16 -9.19 -12.01
N VAL C 359 20.69 -8.14 -11.36
CA VAL C 359 19.92 -7.19 -10.54
C VAL C 359 18.74 -6.63 -11.35
N PHE C 360 19.00 -6.28 -12.61
CA PHE C 360 17.95 -5.76 -13.51
C PHE C 360 16.85 -6.81 -13.74
N ASN C 361 17.26 -8.05 -14.00
CA ASN C 361 16.35 -9.16 -14.31
C ASN C 361 15.63 -9.67 -13.05
N ASP C 362 16.03 -9.18 -11.87
CA ASP C 362 15.31 -9.49 -10.64
C ASP C 362 14.42 -8.31 -10.21
N CYS C 363 14.86 -7.08 -10.48
CA CYS C 363 14.07 -5.90 -10.13
C CYS C 363 12.78 -5.87 -10.94
N ARG C 364 12.86 -6.27 -12.22
CA ARG C 364 11.67 -6.41 -13.06
C ARG C 364 10.73 -7.45 -12.45
N ASP C 365 11.29 -8.58 -11.99
CA ASP C 365 10.52 -9.66 -11.37
C ASP C 365 9.80 -9.16 -10.12
N ILE C 366 10.48 -8.34 -9.31
CA ILE C 366 9.92 -7.78 -8.08
C ILE C 366 8.71 -6.90 -8.41
N ILE C 367 8.87 -6.01 -9.41
CA ILE C 367 7.82 -5.07 -9.80
C ILE C 367 6.62 -5.85 -10.37
N GLN C 368 6.89 -6.89 -11.16
CA GLN C 368 5.83 -7.71 -11.75
C GLN C 368 5.04 -8.42 -10.65
N ARG C 369 5.74 -9.00 -9.66
CA ARG C 369 5.08 -9.70 -8.57
C ARG C 369 4.28 -8.72 -7.70
N MET C 370 4.75 -7.48 -7.59
CA MET C 370 4.03 -6.45 -6.83
C MET C 370 2.69 -6.15 -7.49
N HIS C 371 2.68 -6.01 -8.83
CA HIS C 371 1.44 -5.74 -9.55
C HIS C 371 0.50 -6.95 -9.52
N LEU C 372 1.06 -8.16 -9.52
CA LEU C 372 0.23 -9.37 -9.45
C LEU C 372 -0.31 -9.58 -8.04
N ARG C 373 0.38 -9.03 -7.03
CA ARG C 373 -0.15 -9.01 -5.66
C ARG C 373 -1.32 -8.03 -5.56
N GLN C 374 -1.26 -6.93 -6.33
CA GLN C 374 -2.33 -5.93 -6.32
C GLN C 374 -3.64 -6.53 -6.84
N TYR C 375 -3.55 -7.38 -7.87
CA TYR C 375 -4.72 -8.03 -8.47
C TYR C 375 -5.07 -9.35 -7.77
N GLU C 376 -4.43 -9.64 -6.62
CA GLU C 376 -4.75 -10.77 -5.75
C GLU C 376 -4.50 -12.10 -6.45
N LEU C 377 -3.51 -12.13 -7.35
CA LEU C 377 -3.21 -13.33 -8.13
C LEU C 377 -2.09 -14.15 -7.48
N LEU C 378 -1.16 -13.48 -6.81
CA LEU C 378 -0.05 -14.15 -6.12
C LEU C 378 -0.05 -13.76 -4.65
N GLU D 8 41.76 -1.42 40.23
CA GLU D 8 41.45 -0.03 39.84
C GLU D 8 39.98 0.10 39.43
N LEU D 9 39.48 -0.87 38.66
CA LEU D 9 38.10 -0.83 38.16
C LEU D 9 37.11 -1.25 39.24
N ASP D 10 37.53 -2.10 40.18
CA ASP D 10 36.63 -2.63 41.22
C ASP D 10 36.23 -1.53 42.20
N GLN D 11 37.20 -0.72 42.64
CA GLN D 11 36.96 0.36 43.59
C GLN D 11 36.13 1.49 42.97
N LEU D 12 36.08 1.56 41.64
CA LEU D 12 35.30 2.58 40.94
C LEU D 12 33.90 2.07 40.61
N ARG D 13 33.77 0.80 40.22
CA ARG D 13 32.47 0.22 39.89
C ARG D 13 31.61 0.07 41.16
N GLN D 14 32.22 -0.41 42.25
CA GLN D 14 31.49 -0.56 43.52
C GLN D 14 31.09 0.81 44.07
N GLU D 15 31.95 1.81 43.89
CA GLU D 15 31.64 3.19 44.28
C GLU D 15 30.47 3.72 43.46
N ALA D 16 30.47 3.43 42.15
CA ALA D 16 29.39 3.85 41.25
C ALA D 16 28.06 3.20 41.68
N GLU D 17 28.10 1.92 42.06
CA GLU D 17 26.91 1.20 42.53
C GLU D 17 26.40 1.82 43.84
N GLN D 18 27.33 2.20 44.73
CA GLN D 18 26.97 2.85 45.98
C GLN D 18 26.29 4.19 45.70
N LEU D 19 26.87 5.00 44.80
CA LEU D 19 26.33 6.31 44.46
C LEU D 19 24.93 6.19 43.82
N LYS D 20 24.76 5.17 42.97
CA LYS D 20 23.45 4.91 42.36
C LYS D 20 22.42 4.55 43.43
N ASN D 21 22.82 3.74 44.41
CA ASN D 21 21.93 3.35 45.50
C ASN D 21 21.60 4.55 46.38
N GLN D 22 22.57 5.46 46.56
CA GLN D 22 22.36 6.70 47.30
C GLN D 22 21.33 7.58 46.60
N ILE D 23 21.43 7.69 45.27
CA ILE D 23 20.49 8.50 44.48
C ILE D 23 19.09 7.88 44.56
N ARG D 24 19.01 6.55 44.44
CA ARG D 24 17.73 5.82 44.54
C ARG D 24 17.09 6.04 45.91
N ASP D 25 17.90 6.00 46.98
CA ASP D 25 17.41 6.17 48.35
C ASP D 25 17.00 7.62 48.60
N ALA D 26 17.69 8.58 47.98
CA ALA D 26 17.31 9.99 48.05
C ALA D 26 15.96 10.23 47.38
N ARG D 27 15.74 9.56 46.24
CA ARG D 27 14.48 9.65 45.50
C ARG D 27 13.33 9.05 46.32
N LYS D 28 13.58 7.87 46.92
CA LYS D 28 12.59 7.20 47.76
C LYS D 28 12.32 8.00 49.04
N ALA D 29 13.34 8.71 49.54
CA ALA D 29 13.19 9.57 50.71
C ALA D 29 12.29 10.77 50.40
N CYS D 30 12.45 11.35 49.21
CA CYS D 30 11.67 12.53 48.81
C CYS D 30 10.29 12.15 48.28
N ALA D 31 10.04 10.85 48.06
CA ALA D 31 8.74 10.37 47.58
C ALA D 31 7.74 10.35 48.74
N ASP D 32 7.15 11.51 49.02
CA ASP D 32 6.20 11.66 50.12
C ASP D 32 4.82 11.18 49.70
N ALA D 33 4.51 11.31 48.40
CA ALA D 33 3.25 10.89 47.79
C ALA D 33 3.40 11.00 46.27
N THR D 34 2.32 10.69 45.55
CA THR D 34 2.32 10.70 44.09
C THR D 34 1.35 11.76 43.57
N LEU D 35 1.46 12.04 42.27
CA LEU D 35 0.57 12.97 41.59
C LEU D 35 -0.84 12.39 41.47
N SER D 36 -0.95 11.06 41.43
CA SER D 36 -2.24 10.38 41.26
C SER D 36 -3.02 10.27 42.57
N GLN D 37 -2.45 10.73 43.69
CA GLN D 37 -3.14 10.75 44.97
C GLN D 37 -3.72 12.14 45.28
N ILE D 38 -2.97 13.20 44.97
CA ILE D 38 -3.38 14.57 45.29
C ILE D 38 -4.28 15.16 44.20
N THR D 39 -4.62 14.38 43.17
CA THR D 39 -5.47 14.83 42.07
C THR D 39 -6.73 13.97 41.98
N ASN D 40 -7.30 13.63 43.14
CA ASN D 40 -8.52 12.84 43.21
C ASN D 40 -9.74 13.73 42.96
N ASN D 41 -9.75 14.92 43.58
CA ASN D 41 -10.86 15.87 43.47
C ASN D 41 -10.53 16.89 42.37
N ILE D 42 -10.40 16.39 41.15
CA ILE D 42 -10.20 17.20 39.95
C ILE D 42 -11.28 16.82 38.93
N ASP D 43 -11.87 17.82 38.29
CA ASP D 43 -12.92 17.61 37.31
C ASP D 43 -12.34 16.96 36.06
N PRO D 44 -13.05 16.00 35.44
CA PRO D 44 -12.59 15.39 34.19
C PRO D 44 -12.69 16.38 33.01
N VAL D 45 -11.81 16.18 32.03
CA VAL D 45 -11.67 17.03 30.85
C VAL D 45 -12.76 16.69 29.83
N GLY D 46 -13.63 15.72 30.15
CA GLY D 46 -14.67 15.23 29.25
C GLY D 46 -14.11 14.57 28.01
N ARG D 47 -14.97 14.37 27.02
CA ARG D 47 -14.59 13.77 25.75
C ARG D 47 -14.22 14.88 24.76
N ILE D 48 -12.92 15.04 24.52
CA ILE D 48 -12.40 16.00 23.55
C ILE D 48 -12.55 15.38 22.16
N GLN D 49 -13.56 15.84 21.41
CA GLN D 49 -13.82 15.37 20.06
C GLN D 49 -13.32 16.41 19.07
N MET D 50 -12.08 16.23 18.61
CA MET D 50 -11.44 17.14 17.66
C MET D 50 -11.82 16.74 16.24
N ARG D 51 -11.81 17.73 15.35
CA ARG D 51 -12.26 17.60 13.97
C ARG D 51 -11.10 17.98 13.04
N THR D 52 -11.02 17.32 11.89
CA THR D 52 -10.05 17.69 10.86
C THR D 52 -10.57 18.90 10.09
N ARG D 53 -9.79 19.98 10.10
CA ARG D 53 -10.19 21.22 9.41
C ARG D 53 -9.51 21.35 8.05
N ARG D 54 -8.25 20.92 7.93
CA ARG D 54 -7.51 20.98 6.67
C ARG D 54 -6.82 19.65 6.40
N THR D 55 -6.38 19.48 5.15
CA THR D 55 -5.59 18.31 4.74
C THR D 55 -4.62 18.73 3.63
N LEU D 56 -3.35 18.84 3.99
CA LEU D 56 -2.30 19.32 3.07
C LEU D 56 -1.72 18.13 2.30
N ARG D 57 -1.84 18.19 0.97
CA ARG D 57 -1.47 17.07 0.10
C ARG D 57 -0.52 17.58 -0.98
N GLY D 58 0.78 17.50 -0.70
CA GLY D 58 1.80 17.90 -1.67
C GLY D 58 2.99 16.94 -1.74
N HIS D 59 3.26 16.23 -0.66
CA HIS D 59 4.45 15.39 -0.54
C HIS D 59 4.29 14.08 -1.30
N LEU D 60 5.41 13.54 -1.78
CA LEU D 60 5.45 12.36 -2.62
C LEU D 60 5.79 11.11 -1.79
N ALA D 61 6.83 11.22 -0.96
CA ALA D 61 7.23 10.16 -0.04
C ALA D 61 6.67 10.46 1.35
N LYS D 62 7.05 9.63 2.33
CA LYS D 62 6.57 9.77 3.70
C LYS D 62 7.13 11.06 4.33
N ILE D 63 6.29 11.69 5.16
CA ILE D 63 6.64 12.89 5.90
C ILE D 63 7.29 12.47 7.22
N TYR D 64 8.47 13.03 7.52
CA TYR D 64 9.26 12.55 8.65
C TYR D 64 9.21 13.51 9.84
N ALA D 65 9.37 14.82 9.59
CA ALA D 65 9.37 15.80 10.67
C ALA D 65 8.71 17.10 10.21
N MET D 66 8.14 17.83 11.18
CA MET D 66 7.55 19.14 10.94
C MET D 66 7.76 19.99 12.20
N HIS D 67 7.63 21.30 12.03
CA HIS D 67 7.86 22.26 13.10
C HIS D 67 7.03 23.51 12.85
N TRP D 68 6.18 23.85 13.82
CA TRP D 68 5.38 25.07 13.74
C TRP D 68 6.27 26.30 13.89
N GLY D 69 5.91 27.37 13.17
CA GLY D 69 6.55 28.65 13.33
C GLY D 69 6.02 29.39 14.54
N THR D 70 6.74 30.46 14.92
CA THR D 70 6.40 31.22 16.13
C THR D 70 5.17 32.12 15.91
N ASP D 71 4.72 32.27 14.67
CA ASP D 71 3.57 33.10 14.34
C ASP D 71 2.28 32.29 14.22
N SER D 72 2.40 30.96 14.30
CA SER D 72 1.28 30.00 14.20
C SER D 72 0.58 30.11 12.83
N ARG D 73 1.33 30.50 11.79
CA ARG D 73 0.77 30.69 10.45
C ARG D 73 1.42 29.73 9.46
N LEU D 74 2.76 29.72 9.40
CA LEU D 74 3.52 28.91 8.46
C LEU D 74 4.10 27.70 9.19
N LEU D 75 4.21 26.59 8.45
CA LEU D 75 4.87 25.39 8.97
C LEU D 75 5.76 24.78 7.89
N VAL D 76 6.88 24.22 8.32
CA VAL D 76 7.84 23.55 7.45
C VAL D 76 7.62 22.05 7.59
N SER D 77 7.57 21.35 6.46
CA SER D 77 7.43 19.90 6.42
C SER D 77 8.52 19.29 5.54
N ALA D 78 9.13 18.22 6.04
CA ALA D 78 10.24 17.55 5.37
C ALA D 78 9.84 16.11 5.05
N SER D 79 10.00 15.73 3.79
CA SER D 79 9.70 14.38 3.31
C SER D 79 11.00 13.71 2.85
N GLN D 80 10.89 12.44 2.45
CA GLN D 80 12.04 11.64 2.04
C GLN D 80 12.27 11.72 0.53
N ASP D 81 11.41 12.44 -0.20
CA ASP D 81 11.54 12.58 -1.65
C ASP D 81 12.60 13.63 -2.04
N GLY D 82 13.16 14.34 -1.05
CA GLY D 82 14.15 15.37 -1.30
C GLY D 82 13.58 16.78 -1.34
N LYS D 83 12.27 16.91 -1.15
CA LYS D 83 11.60 18.21 -1.15
C LYS D 83 11.31 18.69 0.26
N LEU D 84 11.46 20.00 0.47
CA LEU D 84 11.14 20.66 1.72
C LEU D 84 10.09 21.74 1.41
N ILE D 85 8.88 21.57 1.96
CA ILE D 85 7.73 22.38 1.58
C ILE D 85 7.28 23.20 2.78
N ILE D 86 7.04 24.49 2.53
CA ILE D 86 6.52 25.42 3.53
C ILE D 86 5.04 25.66 3.24
N TRP D 87 4.19 25.34 4.21
CA TRP D 87 2.74 25.40 4.05
C TRP D 87 2.18 26.63 4.79
N ASP D 88 1.20 27.28 4.15
CA ASP D 88 0.35 28.27 4.79
C ASP D 88 -0.88 27.53 5.33
N SER D 89 -1.01 27.49 6.66
CA SER D 89 -2.01 26.65 7.33
C SER D 89 -3.44 27.12 7.03
N TYR D 90 -3.64 28.41 6.76
CA TYR D 90 -4.97 28.96 6.55
C TYR D 90 -5.47 28.65 5.13
N THR D 91 -4.73 29.11 4.12
CA THR D 91 -5.17 29.07 2.72
C THR D 91 -4.76 27.77 2.02
N THR D 92 -3.94 26.95 2.68
CA THR D 92 -3.43 25.66 2.15
C THR D 92 -2.61 25.87 0.88
N ASN D 93 -1.96 27.04 0.76
CA ASN D 93 -1.07 27.34 -0.35
C ASN D 93 0.35 26.94 0.02
N LYS D 94 1.04 26.28 -0.92
CA LYS D 94 2.46 26.01 -0.78
C LYS D 94 3.22 27.29 -1.09
N VAL D 95 4.01 27.76 -0.13
CA VAL D 95 4.69 29.05 -0.25
C VAL D 95 6.07 28.86 -0.88
N HIS D 96 6.84 27.89 -0.38
CA HIS D 96 8.14 27.54 -0.97
C HIS D 96 8.27 26.02 -1.06
N ALA D 97 8.94 25.58 -2.13
CA ALA D 97 9.37 24.19 -2.30
C ALA D 97 10.85 24.19 -2.64
N ILE D 98 11.66 23.56 -1.79
CA ILE D 98 13.11 23.58 -1.91
C ILE D 98 13.59 22.16 -2.21
N PRO D 99 14.33 21.95 -3.31
CA PRO D 99 14.93 20.64 -3.58
C PRO D 99 16.27 20.47 -2.85
N LEU D 100 16.39 19.38 -2.09
CA LEU D 100 17.56 19.11 -1.25
C LEU D 100 18.58 18.30 -2.04
N ARG D 101 19.85 18.47 -1.66
CA ARG D 101 20.95 17.81 -2.34
C ARG D 101 20.94 16.31 -2.05
N SER D 102 20.62 15.93 -0.81
CA SER D 102 20.44 14.53 -0.44
C SER D 102 18.95 14.19 -0.41
N SER D 103 18.65 12.88 -0.40
CA SER D 103 17.28 12.40 -0.40
C SER D 103 16.74 12.22 1.02
N TRP D 104 17.58 11.76 1.94
CA TRP D 104 17.13 11.39 3.28
C TRP D 104 17.21 12.58 4.23
N VAL D 105 16.10 12.83 4.92
CA VAL D 105 15.97 13.89 5.92
C VAL D 105 15.39 13.26 7.19
N MET D 106 15.95 13.63 8.34
CA MET D 106 15.46 13.15 9.63
C MET D 106 14.97 14.30 10.53
N THR D 107 15.49 15.52 10.32
CA THR D 107 15.10 16.66 11.14
C THR D 107 14.95 17.91 10.28
N CYS D 108 14.09 18.83 10.75
CA CYS D 108 13.97 20.17 10.19
C CYS D 108 13.51 21.12 11.30
N ALA D 109 14.00 22.36 11.24
CA ALA D 109 13.75 23.36 12.27
C ALA D 109 13.50 24.72 11.63
N TYR D 110 12.52 25.45 12.18
CA TYR D 110 12.16 26.79 11.75
C TYR D 110 12.57 27.79 12.83
N ALA D 111 13.47 28.72 12.46
CA ALA D 111 14.05 29.73 13.34
C ALA D 111 12.96 30.58 14.00
N PRO D 112 13.18 31.08 15.23
CA PRO D 112 12.17 31.92 15.91
C PRO D 112 11.83 33.22 15.18
N SER D 113 12.75 33.75 14.36
CA SER D 113 12.53 34.98 13.61
C SER D 113 11.91 34.73 12.24
N GLY D 114 11.97 33.48 11.76
CA GLY D 114 11.41 33.11 10.47
C GLY D 114 12.33 33.36 9.29
N ASN D 115 13.60 33.67 9.57
CA ASN D 115 14.57 33.98 8.52
C ASN D 115 15.25 32.71 8.01
N TYR D 116 15.43 31.71 8.88
CA TYR D 116 16.23 30.53 8.56
C TYR D 116 15.40 29.26 8.70
N VAL D 117 15.71 28.27 7.84
CA VAL D 117 15.19 26.92 7.93
C VAL D 117 16.38 25.96 7.85
N ALA D 118 16.53 25.10 8.86
CA ALA D 118 17.61 24.12 8.88
C ALA D 118 17.03 22.72 8.68
N CYS D 119 17.80 21.87 7.99
CA CYS D 119 17.41 20.49 7.75
C CYS D 119 18.63 19.59 7.87
N GLY D 120 18.39 18.37 8.36
CA GLY D 120 19.44 17.37 8.52
C GLY D 120 18.91 15.98 8.27
N GLY D 121 19.83 15.07 7.95
CA GLY D 121 19.49 13.69 7.66
C GLY D 121 20.69 12.76 7.81
N LEU D 122 20.64 11.66 7.05
CA LEU D 122 21.69 10.64 7.09
C LEU D 122 23.01 11.15 6.49
N ASP D 123 22.93 12.19 5.65
CA ASP D 123 24.08 12.77 4.94
C ASP D 123 25.13 13.38 5.89
N ASN D 124 24.78 13.58 7.17
CA ASN D 124 25.66 14.12 8.22
C ASN D 124 25.98 15.61 7.98
N ILE D 125 25.18 16.28 7.16
CA ILE D 125 25.42 17.68 6.81
C ILE D 125 24.12 18.45 7.09
N CYS D 126 24.22 19.46 7.96
CA CYS D 126 23.09 20.30 8.34
C CYS D 126 23.05 21.53 7.45
N SER D 127 22.03 21.63 6.60
CA SER D 127 21.89 22.71 5.62
C SER D 127 20.96 23.78 6.19
N ILE D 128 21.47 25.02 6.29
CA ILE D 128 20.72 26.16 6.78
C ILE D 128 20.39 27.06 5.58
N TYR D 129 19.10 27.27 5.34
CA TYR D 129 18.61 28.06 4.21
C TYR D 129 18.11 29.41 4.70
N ASN D 130 18.54 30.47 4.02
CA ASN D 130 18.13 31.84 4.28
C ASN D 130 16.89 32.14 3.44
N LEU D 131 15.78 32.49 4.11
CA LEU D 131 14.50 32.74 3.45
C LEU D 131 14.36 34.19 2.99
N LYS D 132 15.35 35.05 3.27
CA LYS D 132 15.31 36.45 2.87
C LYS D 132 15.18 36.56 1.34
N THR D 133 16.21 36.08 0.63
CA THR D 133 16.23 35.90 -0.83
C THR D 133 15.77 37.18 -1.56
N ARG D 134 16.63 38.21 -1.54
CA ARG D 134 16.35 39.42 -2.31
C ARG D 134 16.51 39.15 -3.82
N GLU D 135 17.27 38.12 -4.18
CA GLU D 135 17.32 37.65 -5.57
C GLU D 135 15.99 36.99 -5.95
N GLY D 136 15.41 36.24 -5.01
CA GLY D 136 14.12 35.59 -5.20
C GLY D 136 14.20 34.08 -5.26
N ASN D 137 15.38 33.50 -5.04
CA ASN D 137 15.58 32.06 -5.03
C ASN D 137 16.35 31.67 -3.77
N VAL D 138 15.95 30.53 -3.18
CA VAL D 138 16.61 29.97 -2.01
C VAL D 138 18.06 29.60 -2.36
N ARG D 139 18.94 29.67 -1.35
CA ARG D 139 20.35 29.37 -1.53
C ARG D 139 20.92 28.86 -0.20
N VAL D 140 21.95 28.02 -0.29
CA VAL D 140 22.64 27.49 0.87
C VAL D 140 23.44 28.61 1.50
N SER D 141 23.07 29.00 2.72
CA SER D 141 23.82 30.01 3.47
C SER D 141 25.15 29.44 3.94
N ARG D 142 25.09 28.34 4.69
CA ARG D 142 26.26 27.62 5.17
C ARG D 142 25.85 26.20 5.56
N GLU D 143 26.71 25.23 5.25
CA GLU D 143 26.50 23.83 5.63
C GLU D 143 27.55 23.42 6.67
N LEU D 144 27.08 22.69 7.69
CA LEU D 144 27.91 22.26 8.81
C LEU D 144 28.17 20.76 8.70
N ALA D 145 29.46 20.38 8.74
CA ALA D 145 29.88 18.99 8.62
C ALA D 145 30.89 18.68 9.74
N GLY D 146 30.38 18.38 10.94
CA GLY D 146 31.22 18.03 12.07
C GLY D 146 30.71 16.83 12.85
N HIS D 147 29.90 15.99 12.21
CA HIS D 147 29.32 14.81 12.86
C HIS D 147 29.73 13.55 12.09
N THR D 148 29.78 12.42 12.80
CA THR D 148 30.29 11.16 12.25
C THR D 148 29.24 10.05 12.23
N GLY D 149 28.01 10.33 12.68
CA GLY D 149 26.95 9.32 12.69
C GLY D 149 25.83 9.67 11.73
N TYR D 150 24.75 10.23 12.28
CA TYR D 150 23.65 10.79 11.52
C TYR D 150 22.97 11.85 12.37
N LEU D 151 22.47 12.91 11.73
CA LEU D 151 21.87 14.03 12.44
C LEU D 151 20.39 13.71 12.71
N SER D 152 20.05 13.54 13.99
CA SER D 152 18.74 13.04 14.40
C SER D 152 17.76 14.18 14.68
N CYS D 153 18.23 15.25 15.33
CA CYS D 153 17.35 16.36 15.70
C CYS D 153 18.17 17.64 15.87
N CYS D 154 17.59 18.76 15.42
CA CYS D 154 18.19 20.08 15.58
C CYS D 154 17.10 21.09 15.91
N ARG D 155 17.48 22.13 16.68
CA ARG D 155 16.57 23.18 17.14
C ARG D 155 17.31 24.51 17.19
N PHE D 156 16.63 25.57 16.78
CA PHE D 156 17.16 26.93 16.81
C PHE D 156 16.96 27.54 18.19
N LEU D 157 18.06 27.91 18.85
CA LEU D 157 17.99 28.75 20.05
C LEU D 157 17.56 30.16 19.64
N ASP D 158 18.25 30.69 18.63
CA ASP D 158 17.99 32.01 18.06
C ASP D 158 18.56 32.01 16.63
N ASP D 159 18.75 33.20 16.05
CA ASP D 159 19.19 33.35 14.68
C ASP D 159 20.62 32.79 14.47
N ASN D 160 21.51 32.98 15.45
CA ASN D 160 22.93 32.67 15.27
C ASN D 160 23.38 31.39 15.99
N GLN D 161 22.55 30.81 16.86
CA GLN D 161 22.92 29.60 17.59
C GLN D 161 21.94 28.48 17.28
N ILE D 162 22.46 27.28 17.07
CA ILE D 162 21.67 26.09 16.79
C ILE D 162 22.26 24.89 17.53
N VAL D 163 21.40 24.18 18.26
CA VAL D 163 21.75 22.95 18.96
C VAL D 163 21.43 21.78 18.03
N THR D 164 22.34 20.80 17.97
CA THR D 164 22.17 19.63 17.12
C THR D 164 22.40 18.36 17.94
N SER D 165 21.71 17.29 17.53
CA SER D 165 21.85 15.96 18.11
C SER D 165 22.30 14.99 17.02
N SER D 166 23.33 14.21 17.31
CA SER D 166 23.88 13.26 16.37
C SER D 166 23.69 11.82 16.87
N GLY D 167 23.98 10.87 15.98
CA GLY D 167 23.91 9.46 16.26
C GLY D 167 25.24 8.84 16.65
N ASP D 168 26.22 9.66 17.03
CA ASP D 168 27.52 9.17 17.52
C ASP D 168 27.64 9.41 19.04
N THR D 169 26.51 9.39 19.74
CA THR D 169 26.35 9.47 21.20
C THR D 169 26.66 10.87 21.75
N THR D 170 26.85 11.87 20.89
CA THR D 170 27.24 13.20 21.32
C THR D 170 26.28 14.24 20.74
N CYS D 171 26.10 15.33 21.49
CA CYS D 171 25.35 16.51 21.04
C CYS D 171 26.34 17.66 20.83
N ALA D 172 25.94 18.60 19.97
CA ALA D 172 26.80 19.73 19.63
C ALA D 172 26.01 21.03 19.65
N LEU D 173 26.74 22.13 19.90
CA LEU D 173 26.23 23.48 19.76
C LEU D 173 27.08 24.21 18.72
N TRP D 174 26.43 24.76 17.69
CA TRP D 174 27.11 25.41 16.59
C TRP D 174 26.96 26.93 16.70
N ASP D 175 27.87 27.63 16.03
CA ASP D 175 27.72 29.03 15.67
C ASP D 175 27.61 29.10 14.15
N ILE D 176 26.50 29.66 13.66
CA ILE D 176 26.18 29.64 12.24
C ILE D 176 27.10 30.59 11.48
N GLU D 177 27.42 31.74 12.10
CA GLU D 177 28.22 32.78 11.44
C GLU D 177 29.64 32.29 11.18
N THR D 178 30.27 31.66 12.17
CA THR D 178 31.63 31.15 12.03
C THR D 178 31.65 29.76 11.39
N GLY D 179 30.67 28.92 11.72
CA GLY D 179 30.60 27.56 11.23
C GLY D 179 31.38 26.57 12.08
N GLN D 180 31.76 26.97 13.30
CA GLN D 180 32.54 26.14 14.22
C GLN D 180 31.67 25.69 15.38
N GLN D 181 32.10 24.60 16.03
CA GLN D 181 31.45 24.09 17.23
C GLN D 181 31.89 24.92 18.43
N THR D 182 30.92 25.52 19.13
CA THR D 182 31.20 26.27 20.35
C THR D 182 31.65 25.32 21.47
N THR D 183 30.91 24.23 21.64
CA THR D 183 31.20 23.22 22.66
C THR D 183 30.69 21.86 22.18
N THR D 184 30.77 20.87 23.06
CA THR D 184 30.33 19.51 22.78
C THR D 184 29.75 18.90 24.05
N PHE D 185 28.81 17.97 23.88
CA PHE D 185 28.12 17.30 24.98
C PHE D 185 28.31 15.79 24.84
N THR D 186 29.13 15.22 25.73
CA THR D 186 29.53 13.81 25.66
C THR D 186 29.16 13.13 26.97
N GLY D 187 27.96 12.56 27.03
CA GLY D 187 27.48 11.87 28.22
C GLY D 187 26.68 10.61 27.93
N HIS D 188 26.17 10.49 26.71
CA HIS D 188 25.30 9.38 26.32
C HIS D 188 26.11 8.15 25.94
N THR D 189 25.45 6.99 25.95
CA THR D 189 26.06 5.71 25.57
C THR D 189 25.21 5.03 24.48
N GLY D 190 24.44 5.83 23.73
CA GLY D 190 23.63 5.32 22.64
C GLY D 190 23.22 6.44 21.71
N ASP D 191 22.48 6.09 20.65
CA ASP D 191 21.98 7.07 19.69
C ASP D 191 21.03 8.03 20.40
N VAL D 192 21.21 9.33 20.13
CA VAL D 192 20.39 10.39 20.74
C VAL D 192 19.30 10.77 19.75
N MET D 193 18.04 10.57 20.14
CA MET D 193 16.92 10.62 19.21
C MET D 193 16.40 12.05 19.02
N SER D 194 16.03 12.72 20.11
CA SER D 194 15.46 14.06 20.02
C SER D 194 15.75 14.87 21.28
N LEU D 195 15.55 16.18 21.17
CA LEU D 195 15.73 17.13 22.27
C LEU D 195 14.65 18.22 22.19
N SER D 196 14.50 18.97 23.28
CA SER D 196 13.50 20.03 23.36
C SER D 196 14.07 21.19 24.17
N LEU D 197 13.86 22.42 23.68
CA LEU D 197 14.38 23.63 24.30
C LEU D 197 13.33 24.25 25.23
N ALA D 198 13.79 24.76 26.37
CA ALA D 198 12.96 25.53 27.28
C ALA D 198 12.59 26.87 26.64
N PRO D 199 11.43 27.46 26.98
CA PRO D 199 11.06 28.80 26.49
C PRO D 199 12.11 29.90 26.71
N ASP D 200 12.82 29.87 27.84
CA ASP D 200 13.83 30.88 28.16
C ASP D 200 15.19 30.56 27.52
N THR D 201 15.27 29.43 26.79
CA THR D 201 16.48 28.97 26.07
C THR D 201 17.69 28.85 27.00
N ARG D 202 17.46 28.50 28.27
CA ARG D 202 18.54 28.40 29.25
C ARG D 202 18.99 26.95 29.44
N LEU D 203 18.03 26.04 29.62
CA LEU D 203 18.31 24.61 29.78
C LEU D 203 17.61 23.83 28.68
N PHE D 204 18.07 22.59 28.46
CA PHE D 204 17.40 21.67 27.57
C PHE D 204 17.69 20.23 28.02
N VAL D 205 16.84 19.32 27.52
CA VAL D 205 16.91 17.90 27.84
C VAL D 205 17.25 17.13 26.56
N SER D 206 17.89 15.98 26.72
CA SER D 206 18.24 15.11 25.61
C SER D 206 17.88 13.67 25.95
N GLY D 207 17.15 13.02 25.06
CA GLY D 207 16.72 11.63 25.20
C GLY D 207 17.45 10.74 24.21
N ALA D 208 18.07 9.67 24.73
CA ALA D 208 18.90 8.78 23.93
C ALA D 208 18.37 7.35 23.98
N CYS D 209 19.06 6.45 23.28
CA CYS D 209 18.71 5.04 23.16
C CYS D 209 19.38 4.20 24.25
N ASP D 210 19.58 4.77 25.44
CA ASP D 210 20.07 4.03 26.61
C ASP D 210 19.08 4.16 27.77
N ALA D 211 17.87 4.65 27.50
CA ALA D 211 16.76 4.82 28.45
C ALA D 211 17.07 5.88 29.51
N SER D 212 18.00 6.80 29.21
CA SER D 212 18.35 7.89 30.11
C SER D 212 18.08 9.23 29.44
N ALA D 213 17.74 10.23 30.26
CA ALA D 213 17.55 11.61 29.82
C ALA D 213 18.53 12.51 30.56
N LYS D 214 19.27 13.33 29.81
CA LYS D 214 20.30 14.20 30.37
C LYS D 214 19.84 15.65 30.31
N LEU D 215 19.89 16.32 31.46
CA LEU D 215 19.61 17.76 31.55
C LEU D 215 20.93 18.54 31.41
N TRP D 216 21.04 19.32 30.34
CA TRP D 216 22.26 20.06 30.02
C TRP D 216 22.12 21.55 30.35
N ASP D 217 23.22 22.14 30.79
CA ASP D 217 23.37 23.58 30.91
C ASP D 217 24.02 24.08 29.61
N VAL D 218 23.29 24.93 28.88
CA VAL D 218 23.72 25.43 27.57
C VAL D 218 25.01 26.24 27.72
N ARG D 219 25.06 27.12 28.72
CA ARG D 219 26.19 28.06 28.84
C ARG D 219 27.42 27.39 29.43
N GLU D 220 27.23 26.49 30.40
CA GLU D 220 28.35 25.87 31.10
C GLU D 220 29.01 24.79 30.24
N GLY D 221 28.19 23.87 29.71
CA GLY D 221 28.67 22.78 28.87
C GLY D 221 28.75 21.45 29.60
N MET D 222 28.01 21.31 30.70
CA MET D 222 27.97 20.08 31.49
C MET D 222 26.52 19.67 31.70
N CYS D 223 26.31 18.37 31.97
CA CYS D 223 25.00 17.84 32.32
C CYS D 223 24.81 17.87 33.83
N ARG D 224 23.55 18.03 34.25
CA ARG D 224 23.20 18.18 35.66
C ARG D 224 22.52 16.92 36.20
N GLN D 225 21.58 16.34 35.44
CA GLN D 225 20.73 15.26 35.92
C GLN D 225 20.66 14.15 34.87
N THR D 226 20.48 12.91 35.35
CA THR D 226 20.28 11.74 34.52
C THR D 226 19.05 10.99 35.03
N PHE D 227 18.03 10.85 34.17
CA PHE D 227 16.78 10.20 34.51
C PHE D 227 16.67 8.85 33.79
N THR D 228 16.64 7.77 34.58
CA THR D 228 16.59 6.41 34.05
C THR D 228 15.34 5.72 34.60
N GLY D 229 14.18 6.09 34.04
CA GLY D 229 12.91 5.50 34.44
C GLY D 229 12.30 4.59 33.38
N HIS D 230 12.93 4.52 32.21
CA HIS D 230 12.40 3.78 31.06
C HIS D 230 13.07 2.42 30.93
N GLU D 231 12.46 1.57 30.10
CA GLU D 231 12.93 0.20 29.85
C GLU D 231 13.56 0.06 28.47
N SER D 232 13.23 0.95 27.52
CA SER D 232 13.72 0.87 26.15
C SER D 232 14.14 2.26 25.67
N ASP D 233 14.36 2.37 24.35
CA ASP D 233 14.87 3.59 23.73
C ASP D 233 13.82 4.70 23.81
N ILE D 234 14.26 5.90 24.19
CA ILE D 234 13.41 7.08 24.29
C ILE D 234 13.41 7.78 22.93
N ASN D 235 12.22 7.90 22.33
CA ASN D 235 12.06 8.52 21.02
C ASN D 235 11.67 9.99 21.15
N ALA D 236 10.60 10.27 21.91
CA ALA D 236 10.03 11.60 22.02
C ALA D 236 10.35 12.20 23.39
N ILE D 237 10.47 13.53 23.42
CA ILE D 237 10.70 14.29 24.64
C ILE D 237 10.19 15.72 24.42
N CYS D 238 9.40 16.22 25.38
CA CYS D 238 8.74 17.50 25.25
C CYS D 238 8.63 18.17 26.62
N PHE D 239 9.06 19.44 26.68
CA PHE D 239 9.01 20.23 27.90
C PHE D 239 7.57 20.64 28.23
N PHE D 240 7.23 20.57 29.51
CA PHE D 240 5.98 21.14 30.02
C PHE D 240 6.08 22.67 29.90
N PRO D 241 4.98 23.37 29.50
CA PRO D 241 5.06 24.80 29.19
C PRO D 241 5.68 25.77 30.21
N ASN D 242 5.86 25.35 31.47
CA ASN D 242 6.50 26.20 32.47
C ASN D 242 8.01 25.98 32.54
N GLY D 243 8.50 24.89 31.93
CA GLY D 243 9.93 24.62 31.82
C GLY D 243 10.52 23.87 33.00
N ASN D 244 9.67 23.34 33.90
CA ASN D 244 10.15 22.66 35.11
C ASN D 244 9.72 21.19 35.15
N ALA D 245 9.24 20.65 34.02
CA ALA D 245 8.87 19.24 33.91
C ALA D 245 8.86 18.86 32.43
N PHE D 246 8.93 17.55 32.16
CA PHE D 246 8.88 17.08 30.78
C PHE D 246 8.39 15.64 30.72
N ALA D 247 7.76 15.29 29.60
CA ALA D 247 7.22 13.96 29.37
C ALA D 247 8.02 13.27 28.26
N THR D 248 8.27 11.97 28.45
CA THR D 248 9.05 11.17 27.53
C THR D 248 8.21 9.99 27.02
N GLY D 249 8.45 9.62 25.77
CA GLY D 249 7.78 8.52 25.10
C GLY D 249 8.78 7.51 24.56
N SER D 250 8.78 6.30 25.12
CA SER D 250 9.73 5.26 24.78
C SER D 250 9.06 4.17 23.94
N ASP D 251 9.86 3.18 23.54
CA ASP D 251 9.40 2.03 22.77
C ASP D 251 8.66 1.02 23.63
N ASP D 252 8.72 1.16 24.96
CA ASP D 252 8.09 0.23 25.90
C ASP D 252 6.55 0.35 25.89
N ALA D 253 6.01 1.36 25.20
CA ALA D 253 4.59 1.68 24.99
C ALA D 253 4.01 2.50 26.15
N THR D 254 4.83 2.83 27.14
CA THR D 254 4.41 3.67 28.25
C THR D 254 5.01 5.07 28.11
N CYS D 255 4.21 6.08 28.45
CA CYS D 255 4.69 7.45 28.58
C CYS D 255 5.03 7.70 30.05
N ARG D 256 6.01 8.57 30.30
CA ARG D 256 6.40 8.90 31.65
C ARG D 256 6.57 10.41 31.78
N LEU D 257 6.21 10.94 32.95
CA LEU D 257 6.32 12.36 33.24
C LEU D 257 7.38 12.56 34.32
N PHE D 258 8.44 13.31 33.98
CA PHE D 258 9.54 13.55 34.88
C PHE D 258 9.47 15.00 35.39
N ASP D 259 10.21 15.24 36.47
CA ASP D 259 10.30 16.53 37.13
C ASP D 259 11.77 16.88 37.32
N LEU D 260 12.08 18.18 37.27
CA LEU D 260 13.45 18.66 37.37
C LEU D 260 13.84 18.93 38.83
N ARG D 261 12.85 19.03 39.72
CA ARG D 261 13.11 19.32 41.14
C ARG D 261 12.90 18.10 42.03
N ALA D 262 11.92 17.24 41.70
CA ALA D 262 11.73 15.99 42.44
C ALA D 262 12.75 14.92 42.02
N ASP D 263 13.37 15.12 40.84
CA ASP D 263 14.47 14.30 40.32
C ASP D 263 14.02 12.83 40.15
N GLN D 264 12.77 12.63 39.75
CA GLN D 264 12.22 11.30 39.49
C GLN D 264 10.92 11.45 38.69
N GLU D 265 10.29 10.32 38.41
CA GLU D 265 9.04 10.28 37.65
C GLU D 265 7.86 10.65 38.56
N LEU D 266 6.88 11.32 37.97
CA LEU D 266 5.66 11.72 38.67
C LEU D 266 4.48 10.80 38.34
N MET D 267 4.39 10.35 37.07
CA MET D 267 3.24 9.56 36.63
C MET D 267 3.65 8.75 35.38
N THR D 268 2.96 7.61 35.19
CA THR D 268 3.17 6.74 34.05
C THR D 268 1.84 6.53 33.33
N TYR D 269 1.87 6.59 32.00
CA TYR D 269 0.70 6.45 31.14
C TYR D 269 0.79 5.13 30.37
N SER D 270 -0.13 4.21 30.67
CA SER D 270 -0.14 2.91 30.04
C SER D 270 -1.57 2.39 29.95
N HIS D 271 -1.83 1.61 28.89
CA HIS D 271 -3.12 0.99 28.64
C HIS D 271 -2.87 -0.43 28.13
N ASP D 272 -3.68 -1.38 28.59
CA ASP D 272 -3.44 -2.80 28.36
C ASP D 272 -3.66 -3.20 26.89
N ASN D 273 -4.48 -2.43 26.16
CA ASN D 273 -4.78 -2.71 24.76
C ASN D 273 -3.78 -2.04 23.81
N ILE D 274 -2.76 -1.37 24.36
CA ILE D 274 -1.75 -0.67 23.55
C ILE D 274 -0.39 -1.32 23.82
N ILE D 275 0.17 -1.95 22.78
CA ILE D 275 1.49 -2.58 22.84
C ILE D 275 2.41 -1.99 21.78
N CYS D 276 2.02 -0.86 21.18
CA CYS D 276 2.77 -0.25 20.08
C CYS D 276 3.68 0.87 20.60
N GLY D 277 4.75 1.13 19.85
CA GLY D 277 5.75 2.11 20.24
C GLY D 277 5.26 3.54 20.09
N ILE D 278 5.95 4.45 20.78
CA ILE D 278 5.63 5.87 20.80
C ILE D 278 6.61 6.60 19.89
N THR D 279 6.06 7.43 18.98
CA THR D 279 6.87 8.09 17.96
C THR D 279 6.98 9.61 18.18
N SER D 280 6.01 10.22 18.86
CA SER D 280 6.00 11.66 19.11
C SER D 280 5.06 12.00 20.26
N VAL D 281 5.49 12.93 21.11
CA VAL D 281 4.65 13.50 22.16
C VAL D 281 4.72 15.02 22.06
N SER D 282 3.70 15.69 22.59
CA SER D 282 3.65 17.15 22.69
C SER D 282 2.56 17.59 23.66
N PHE D 283 2.91 18.49 24.58
CA PHE D 283 1.93 19.08 25.47
C PHE D 283 1.09 20.12 24.73
N SER D 284 -0.06 20.45 25.31
CA SER D 284 -0.89 21.55 24.84
C SER D 284 -0.37 22.85 25.42
N LYS D 285 -1.07 23.96 25.13
CA LYS D 285 -0.63 25.29 25.56
C LYS D 285 -0.72 25.40 27.09
N SER D 286 -1.88 25.02 27.64
CA SER D 286 -2.08 25.05 29.09
C SER D 286 -1.28 23.93 29.77
N GLY D 287 -1.17 22.78 29.09
CA GLY D 287 -0.44 21.63 29.60
C GLY D 287 -1.34 20.54 30.15
N ARG D 288 -2.66 20.78 30.19
CA ARG D 288 -3.61 19.82 30.74
C ARG D 288 -3.74 18.59 29.83
N LEU D 289 -3.70 18.81 28.51
CA LEU D 289 -3.75 17.72 27.54
C LEU D 289 -2.33 17.39 27.08
N LEU D 290 -2.06 16.08 26.92
CA LEU D 290 -0.82 15.59 26.33
C LEU D 290 -1.17 14.73 25.11
N LEU D 291 -0.68 15.13 23.94
CA LEU D 291 -0.97 14.43 22.70
C LEU D 291 0.19 13.50 22.38
N ALA D 292 -0.11 12.21 22.18
CA ALA D 292 0.90 11.21 21.87
C ALA D 292 0.50 10.44 20.62
N GLY D 293 1.37 10.46 19.60
CA GLY D 293 1.17 9.71 18.39
C GLY D 293 1.78 8.33 18.49
N TYR D 294 0.95 7.30 18.38
CA TYR D 294 1.38 5.92 18.56
C TYR D 294 1.57 5.25 17.20
N ASP D 295 2.17 4.05 17.24
CA ASP D 295 2.52 3.28 16.05
C ASP D 295 1.28 2.62 15.41
N ASP D 296 0.15 2.58 16.13
CA ASP D 296 -1.05 1.89 15.64
C ASP D 296 -2.03 2.85 14.96
N PHE D 297 -1.48 3.83 14.21
CA PHE D 297 -2.19 4.64 13.23
C PHE D 297 -3.26 5.55 13.86
N ASN D 298 -3.00 6.06 15.08
CA ASN D 298 -3.88 7.05 15.70
C ASN D 298 -3.11 7.77 16.81
N CYS D 299 -3.67 8.90 17.25
CA CYS D 299 -3.05 9.75 18.27
C CYS D 299 -3.98 9.82 19.49
N ASN D 300 -3.45 9.41 20.65
CA ASN D 300 -4.21 9.38 21.89
C ASN D 300 -4.03 10.70 22.65
N VAL D 301 -5.16 11.25 23.11
CA VAL D 301 -5.19 12.50 23.86
C VAL D 301 -5.26 12.16 25.35
N TRP D 302 -4.09 12.14 26.00
CA TRP D 302 -4.01 11.77 27.41
C TRP D 302 -4.31 12.98 28.30
N ASP D 303 -5.06 12.74 29.39
CA ASP D 303 -5.27 13.72 30.44
C ASP D 303 -4.02 13.74 31.32
N ALA D 304 -3.26 14.84 31.26
CA ALA D 304 -1.92 14.90 31.85
C ALA D 304 -1.95 15.02 33.38
N LEU D 305 -3.11 15.11 34.02
CA LEU D 305 -3.20 15.15 35.47
C LEU D 305 -4.07 14.03 36.05
N LYS D 306 -4.65 13.17 35.19
CA LYS D 306 -5.52 12.08 35.65
C LYS D 306 -5.12 10.73 35.05
N ALA D 307 -4.31 10.72 33.98
CA ALA D 307 -3.86 9.50 33.28
C ALA D 307 -5.05 8.71 32.73
N ASP D 308 -5.91 9.41 31.98
CA ASP D 308 -7.05 8.83 31.30
C ASP D 308 -7.09 9.39 29.88
N ARG D 309 -7.63 8.59 28.94
CA ARG D 309 -7.71 8.98 27.55
C ARG D 309 -8.92 9.90 27.34
N ALA D 310 -8.66 11.16 26.98
CA ALA D 310 -9.71 12.10 26.63
C ALA D 310 -10.37 11.72 25.30
N GLY D 311 -9.54 11.30 24.33
CA GLY D 311 -10.04 10.92 23.03
C GLY D 311 -8.95 10.30 22.16
N VAL D 312 -9.28 10.13 20.87
CA VAL D 312 -8.39 9.49 19.91
C VAL D 312 -8.57 10.16 18.54
N LEU D 313 -7.45 10.38 17.86
CA LEU D 313 -7.41 10.97 16.52
C LEU D 313 -7.03 9.88 15.53
N ALA D 314 -8.03 9.11 15.09
CA ALA D 314 -7.86 8.01 14.15
C ALA D 314 -8.18 8.49 12.73
N GLY D 315 -7.34 9.40 12.24
CA GLY D 315 -7.49 9.94 10.89
C GLY D 315 -6.43 9.42 9.92
N HIS D 316 -5.29 8.97 10.44
CA HIS D 316 -4.15 8.57 9.62
C HIS D 316 -4.29 7.11 9.18
N ASP D 317 -3.75 6.81 8.01
CA ASP D 317 -3.79 5.47 7.42
C ASP D 317 -2.43 4.77 7.53
N ASN D 318 -1.43 5.45 8.11
CA ASN D 318 -0.09 4.89 8.27
C ASN D 318 0.54 5.50 9.52
N ARG D 319 1.69 4.95 9.92
CA ARG D 319 2.43 5.31 11.14
C ARG D 319 2.57 6.83 11.28
N VAL D 320 2.07 7.36 12.39
CA VAL D 320 2.25 8.77 12.75
C VAL D 320 3.71 8.99 13.13
N SER D 321 4.36 9.92 12.42
CA SER D 321 5.80 10.16 12.57
C SER D 321 6.10 11.42 13.38
N CYS D 322 5.33 12.49 13.15
CA CYS D 322 5.57 13.77 13.82
C CYS D 322 4.25 14.40 14.25
N LEU D 323 4.31 15.15 15.35
CA LEU D 323 3.16 15.86 15.91
C LEU D 323 3.63 17.22 16.42
N GLY D 324 2.90 18.28 16.05
CA GLY D 324 3.22 19.63 16.47
C GLY D 324 1.99 20.37 16.95
N VAL D 325 2.17 21.15 18.03
CA VAL D 325 1.14 22.01 18.58
C VAL D 325 1.60 23.45 18.45
N THR D 326 0.67 24.33 18.04
CA THR D 326 0.96 25.75 17.86
C THR D 326 1.28 26.39 19.21
N ASP D 327 1.95 27.55 19.16
CA ASP D 327 2.33 28.28 20.36
C ASP D 327 1.11 28.90 21.04
N ASP D 328 0.04 29.15 20.29
CA ASP D 328 -1.20 29.71 20.83
C ASP D 328 -2.29 28.65 20.99
N GLY D 329 -1.98 27.38 20.68
CA GLY D 329 -2.88 26.27 20.92
C GLY D 329 -4.11 26.25 20.02
N MET D 330 -4.07 26.98 18.90
CA MET D 330 -5.24 27.14 18.05
C MET D 330 -5.49 25.89 17.20
N ALA D 331 -4.41 25.18 16.83
CA ALA D 331 -4.52 23.97 16.04
C ALA D 331 -3.41 22.99 16.41
N VAL D 332 -3.60 21.72 16.00
CA VAL D 332 -2.62 20.67 16.18
C VAL D 332 -2.43 19.97 14.83
N ALA D 333 -1.20 19.99 14.30
CA ALA D 333 -0.90 19.38 13.02
C ALA D 333 -0.09 18.10 13.24
N THR D 334 -0.53 17.03 12.57
CA THR D 334 0.13 15.72 12.66
C THR D 334 0.54 15.27 11.27
N GLY D 335 1.75 14.69 11.18
CA GLY D 335 2.28 14.17 9.93
C GLY D 335 2.64 12.71 10.07
N SER D 336 2.29 11.93 9.05
CA SER D 336 2.44 10.48 9.05
C SER D 336 3.02 10.01 7.73
N TRP D 337 3.20 8.69 7.61
CA TRP D 337 3.86 8.07 6.46
C TRP D 337 2.90 7.83 5.30
N ASP D 338 1.66 8.30 5.40
CA ASP D 338 0.72 8.25 4.28
C ASP D 338 0.83 9.51 3.40
N SER D 339 1.81 10.38 3.72
CA SER D 339 2.14 11.60 2.97
C SER D 339 1.04 12.65 3.09
N PHE D 340 0.26 12.61 4.17
CA PHE D 340 -0.77 13.62 4.45
C PHE D 340 -0.48 14.32 5.78
N LEU D 341 -0.87 15.60 5.85
CA LEU D 341 -0.82 16.39 7.07
C LEU D 341 -2.24 16.67 7.54
N LYS D 342 -2.63 16.10 8.68
CA LYS D 342 -3.95 16.33 9.26
C LYS D 342 -3.84 17.43 10.32
N ILE D 343 -4.57 18.52 10.11
CA ILE D 343 -4.67 19.61 11.09
C ILE D 343 -5.99 19.46 11.85
N TRP D 344 -5.87 19.00 13.10
CA TRP D 344 -7.01 18.86 14.00
C TRP D 344 -7.24 20.19 14.72
N ASN D 345 -8.52 20.54 14.87
CA ASN D 345 -8.95 21.81 15.46
C ASN D 345 -8.49 21.92 16.92
N THR E 6 45.21 3.44 30.42
CA THR E 6 44.57 4.19 31.54
C THR E 6 43.36 5.00 31.07
N ALA E 7 42.87 4.71 29.85
CA ALA E 7 41.75 5.43 29.27
C ALA E 7 40.43 4.96 29.88
N SER E 8 40.30 3.64 30.10
CA SER E 8 39.08 3.06 30.64
C SER E 8 38.90 3.43 32.11
N ILE E 9 40.00 3.55 32.86
CA ILE E 9 39.91 3.92 34.27
C ILE E 9 39.68 5.43 34.38
N ALA E 10 40.15 6.21 33.40
CA ALA E 10 39.84 7.63 33.31
C ALA E 10 38.34 7.83 33.06
N GLN E 11 37.77 7.00 32.17
CA GLN E 11 36.34 7.05 31.86
C GLN E 11 35.52 6.63 33.08
N ALA E 12 35.98 5.61 33.81
CA ALA E 12 35.34 5.16 35.04
C ALA E 12 35.35 6.26 36.10
N ARG E 13 36.49 6.96 36.24
CA ARG E 13 36.62 8.09 37.16
C ARG E 13 35.65 9.22 36.78
N LYS E 14 35.53 9.48 35.47
CA LYS E 14 34.63 10.53 34.98
C LYS E 14 33.16 10.16 35.28
N LEU E 15 32.83 8.87 35.18
CA LEU E 15 31.47 8.41 35.50
C LEU E 15 31.20 8.54 37.01
N VAL E 16 32.21 8.23 37.84
CA VAL E 16 32.10 8.36 39.28
C VAL E 16 31.90 9.83 39.66
N GLU E 17 32.69 10.72 39.05
CA GLU E 17 32.59 12.16 39.32
C GLU E 17 31.26 12.72 38.81
N GLN E 18 30.75 12.16 37.71
CA GLN E 18 29.44 12.56 37.18
C GLN E 18 28.32 12.17 38.16
N LEU E 19 28.42 10.96 38.74
CA LEU E 19 27.44 10.52 39.73
C LEU E 19 27.53 11.35 41.01
N LYS E 20 28.74 11.80 41.36
CA LYS E 20 28.93 12.69 42.50
C LYS E 20 28.28 14.05 42.26
N MET E 21 28.41 14.56 41.03
CA MET E 21 27.78 15.82 40.63
C MET E 21 26.25 15.69 40.65
N GLU E 22 25.73 14.54 40.21
CA GLU E 22 24.29 14.31 40.13
C GLU E 22 23.68 14.10 41.51
N ALA E 23 24.44 13.49 42.43
CA ALA E 23 23.97 13.23 43.79
C ALA E 23 23.80 14.55 44.56
N ASN E 24 24.84 15.39 44.53
CA ASN E 24 24.88 16.64 45.29
C ASN E 24 24.07 17.72 44.57
N ILE E 25 22.74 17.56 44.57
CA ILE E 25 21.81 18.54 44.02
C ILE E 25 20.70 18.79 45.03
N ASP E 26 19.89 19.81 44.76
CA ASP E 26 18.71 20.14 45.55
C ASP E 26 17.54 19.27 45.10
N ARG E 27 16.87 18.63 46.06
CA ARG E 27 15.71 17.80 45.79
C ARG E 27 14.50 18.36 46.54
N ILE E 28 13.47 18.74 45.78
CA ILE E 28 12.23 19.29 46.33
C ILE E 28 11.23 18.14 46.50
N LYS E 29 10.42 18.22 47.57
CA LYS E 29 9.39 17.24 47.86
C LYS E 29 8.40 17.13 46.70
N VAL E 30 7.93 15.89 46.45
CA VAL E 30 7.09 15.58 45.29
C VAL E 30 5.73 16.26 45.43
N SER E 31 5.15 16.23 46.64
CA SER E 31 3.85 16.83 46.90
C SER E 31 3.87 18.35 46.70
N LYS E 32 5.01 18.98 46.98
CA LYS E 32 5.17 20.43 46.84
C LYS E 32 5.25 20.82 45.36
N ALA E 33 6.16 20.17 44.63
CA ALA E 33 6.41 20.45 43.21
C ALA E 33 5.19 20.08 42.35
N ALA E 34 4.45 19.04 42.75
CA ALA E 34 3.28 18.57 42.00
C ALA E 34 2.06 19.46 42.21
N ALA E 35 2.09 20.34 43.23
CA ALA E 35 1.03 21.31 43.45
C ALA E 35 1.22 22.57 42.59
N ASP E 36 2.48 22.92 42.31
CA ASP E 36 2.80 24.02 41.40
C ASP E 36 2.25 23.75 40.00
N LEU E 37 2.29 22.49 39.55
CA LEU E 37 1.77 22.11 38.24
C LEU E 37 0.24 22.27 38.21
N MET E 38 -0.43 21.95 39.33
CA MET E 38 -1.88 22.11 39.43
C MET E 38 -2.25 23.60 39.42
N ALA E 39 -1.47 24.41 40.14
CA ALA E 39 -1.64 25.86 40.16
C ALA E 39 -1.49 26.45 38.75
N TYR E 40 -0.51 25.94 37.99
CA TYR E 40 -0.26 26.40 36.62
C TYR E 40 -1.43 26.03 35.70
N CYS E 41 -1.86 24.76 35.76
CA CYS E 41 -2.95 24.27 34.90
C CYS E 41 -4.27 24.97 35.25
N GLU E 42 -4.49 25.28 36.54
CA GLU E 42 -5.67 26.01 36.99
C GLU E 42 -5.65 27.44 36.45
N ALA E 43 -4.52 28.14 36.67
CA ALA E 43 -4.37 29.55 36.31
C ALA E 43 -4.54 29.76 34.80
N HIS E 44 -4.02 28.82 34.00
CA HIS E 44 -4.02 28.94 32.54
C HIS E 44 -5.08 28.04 31.89
N ALA E 45 -6.18 27.79 32.61
CA ALA E 45 -7.26 26.94 32.12
C ALA E 45 -8.05 27.65 31.00
N LYS E 46 -8.50 28.88 31.28
CA LYS E 46 -9.43 29.62 30.43
C LYS E 46 -8.83 29.95 29.06
N GLU E 47 -7.52 30.23 29.02
CA GLU E 47 -6.86 30.70 27.79
C GLU E 47 -6.69 29.56 26.77
N ASP E 48 -6.81 28.30 27.21
CA ASP E 48 -6.56 27.14 26.35
C ASP E 48 -7.67 27.04 25.30
N PRO E 49 -7.33 26.98 24.00
CA PRO E 49 -8.34 26.78 22.94
C PRO E 49 -8.72 25.34 22.60
N LEU E 50 -8.04 24.36 23.22
CA LEU E 50 -8.33 22.94 22.99
C LEU E 50 -9.25 22.38 24.08
N LEU E 51 -9.01 22.79 25.33
CA LEU E 51 -9.88 22.44 26.44
C LEU E 51 -11.29 22.98 26.20
N THR E 52 -11.38 24.29 25.92
CA THR E 52 -12.64 24.95 25.60
C THR E 52 -12.74 25.16 24.11
N PRO E 53 -13.77 24.59 23.44
CA PRO E 53 -13.97 24.84 22.01
C PRO E 53 -14.40 26.29 21.75
N VAL E 54 -13.80 26.89 20.72
CA VAL E 54 -13.95 28.31 20.43
C VAL E 54 -14.98 28.47 19.30
N PRO E 55 -15.89 29.46 19.39
CA PRO E 55 -16.80 29.76 18.28
C PRO E 55 -16.07 30.05 16.96
N ALA E 56 -16.76 29.77 15.84
CA ALA E 56 -16.17 29.79 14.50
C ALA E 56 -15.78 31.20 14.06
N SER E 57 -16.30 32.24 14.72
CA SER E 57 -16.00 33.63 14.36
C SER E 57 -14.57 34.01 14.76
N GLU E 58 -14.00 33.32 15.76
CA GLU E 58 -12.66 33.61 16.26
C GLU E 58 -11.64 32.61 15.71
N ASN E 59 -12.02 31.34 15.66
CA ASN E 59 -11.18 30.24 15.18
C ASN E 59 -10.98 30.37 13.67
N PRO E 60 -9.76 30.68 13.19
CA PRO E 60 -9.55 30.93 11.76
C PRO E 60 -9.63 29.70 10.85
N PHE E 61 -9.80 28.50 11.42
CA PHE E 61 -9.86 27.25 10.65
C PHE E 61 -11.29 26.82 10.35
N ARG E 62 -12.28 27.59 10.81
CA ARG E 62 -13.69 27.30 10.57
C ARG E 62 -14.31 28.40 9.71
N GLN F 1 15.26 1.25 36.02
CA GLN F 1 16.61 1.11 35.42
C GLN F 1 16.86 -0.34 35.01
N VAL F 2 17.05 -0.55 33.71
CA VAL F 2 17.40 -1.86 33.16
C VAL F 2 18.80 -2.22 33.62
N GLN F 3 18.92 -3.29 34.41
CA GLN F 3 20.21 -3.80 34.85
C GLN F 3 20.20 -5.33 34.79
N LEU F 4 21.31 -5.89 34.30
CA LEU F 4 21.51 -7.32 34.17
C LEU F 4 22.77 -7.71 34.92
N GLN F 5 22.67 -8.76 35.74
CA GLN F 5 23.76 -9.22 36.59
C GLN F 5 24.03 -10.70 36.32
N GLU F 6 25.10 -10.98 35.58
CA GLU F 6 25.54 -12.36 35.34
C GLU F 6 26.04 -12.97 36.64
N SER F 7 25.87 -14.29 36.76
CA SER F 7 26.28 -15.05 37.93
C SER F 7 26.78 -16.43 37.49
N GLY F 8 27.81 -16.93 38.18
CA GLY F 8 28.44 -18.19 37.85
C GLY F 8 29.62 -18.00 36.91
N GLY F 9 30.38 -19.08 36.72
CA GLY F 9 31.57 -19.10 35.89
C GLY F 9 32.70 -19.87 36.56
N GLY F 10 33.93 -19.39 36.35
CA GLY F 10 35.11 -19.93 37.01
C GLY F 10 35.87 -20.90 36.11
N LEU F 11 37.04 -21.32 36.60
CA LEU F 11 37.90 -22.25 35.88
C LEU F 11 37.36 -23.67 36.02
N VAL F 12 37.13 -24.32 34.87
CA VAL F 12 36.63 -25.69 34.81
C VAL F 12 37.51 -26.50 33.87
N GLN F 13 37.44 -27.83 34.00
CA GLN F 13 38.19 -28.79 33.19
C GLN F 13 37.36 -29.20 31.98
N PRO F 14 38.00 -29.56 30.85
CA PRO F 14 37.26 -30.00 29.66
C PRO F 14 36.54 -31.33 29.88
N GLY F 15 35.24 -31.35 29.55
CA GLY F 15 34.35 -32.46 29.82
C GLY F 15 33.45 -32.24 31.02
N GLY F 16 33.64 -31.13 31.74
CA GLY F 16 32.86 -30.81 32.92
C GLY F 16 31.51 -30.20 32.56
N SER F 17 30.85 -29.63 33.57
CA SER F 17 29.55 -29.00 33.45
C SER F 17 29.49 -27.78 34.34
N LEU F 18 28.73 -26.76 33.92
CA LEU F 18 28.68 -25.50 34.62
C LEU F 18 27.37 -24.79 34.28
N ARG F 19 26.81 -24.07 35.25
CA ARG F 19 25.58 -23.33 35.07
C ARG F 19 25.82 -21.84 35.28
N LEU F 20 25.02 -21.02 34.59
CA LEU F 20 25.05 -19.58 34.70
C LEU F 20 23.64 -19.08 35.04
N SER F 21 23.60 -17.86 35.58
CA SER F 21 22.36 -17.17 35.89
C SER F 21 22.49 -15.71 35.48
N CYS F 22 21.34 -15.09 35.19
CA CYS F 22 21.26 -13.69 34.79
C CYS F 22 20.09 -13.05 35.54
N ALA F 23 20.43 -12.28 36.59
CA ALA F 23 19.44 -11.53 37.36
C ALA F 23 19.00 -10.30 36.57
N ALA F 24 17.73 -10.30 36.16
CA ALA F 24 17.14 -9.24 35.35
C ALA F 24 16.28 -8.34 36.25
N SER F 25 16.78 -7.12 36.53
CA SER F 25 16.11 -6.21 37.43
C SER F 25 15.76 -4.89 36.71
N GLY F 26 14.56 -4.38 36.98
CA GLY F 26 14.14 -3.05 36.55
C GLY F 26 13.35 -3.02 35.26
N PHE F 27 12.80 -4.16 34.83
CA PHE F 27 11.96 -4.19 33.62
C PHE F 27 11.07 -5.43 33.63
N THR F 28 10.07 -5.43 32.75
CA THR F 28 9.11 -6.51 32.60
C THR F 28 9.77 -7.65 31.81
N PHE F 29 10.38 -8.57 32.57
CA PHE F 29 11.21 -9.65 32.04
C PHE F 29 10.42 -10.58 31.12
N SER F 30 9.13 -10.79 31.40
CA SER F 30 8.29 -11.75 30.68
C SER F 30 8.06 -11.37 29.21
N ASN F 31 8.15 -10.07 28.88
CA ASN F 31 7.75 -9.58 27.56
C ASN F 31 8.95 -9.36 26.63
N TYR F 32 10.16 -9.72 27.06
CA TYR F 32 11.37 -9.45 26.26
C TYR F 32 12.03 -10.76 25.83
N LYS F 33 12.30 -10.85 24.53
CA LYS F 33 13.18 -11.88 23.98
C LYS F 33 14.62 -11.56 24.41
N MET F 34 15.36 -12.59 24.87
CA MET F 34 16.73 -12.41 25.34
C MET F 34 17.64 -13.45 24.70
N ASN F 35 18.95 -13.25 24.85
CA ASN F 35 19.95 -14.07 24.19
C ASN F 35 21.29 -13.96 24.93
N TRP F 36 22.23 -14.83 24.53
CA TRP F 36 23.59 -14.85 25.06
C TRP F 36 24.57 -14.47 23.95
N VAL F 37 25.50 -13.58 24.28
CA VAL F 37 26.58 -13.16 23.39
C VAL F 37 27.90 -13.42 24.12
N ARG F 38 28.94 -13.80 23.38
CA ARG F 38 30.25 -14.03 23.99
C ARG F 38 31.33 -13.28 23.22
N GLN F 39 32.42 -12.99 23.95
CA GLN F 39 33.60 -12.33 23.41
C GLN F 39 34.81 -13.23 23.69
N ALA F 40 35.29 -13.90 22.64
CA ALA F 40 36.51 -14.69 22.70
C ALA F 40 37.70 -13.76 22.86
N PRO F 41 38.76 -14.16 23.60
CA PRO F 41 39.95 -13.31 23.77
C PRO F 41 40.61 -12.96 22.43
N GLY F 42 40.58 -11.67 22.10
CA GLY F 42 41.16 -11.16 20.87
C GLY F 42 40.26 -11.28 19.66
N LYS F 43 38.97 -11.51 19.87
CA LYS F 43 38.00 -11.65 18.78
C LYS F 43 36.75 -10.81 19.09
N GLY F 44 35.90 -10.66 18.06
CA GLY F 44 34.68 -9.89 18.16
C GLY F 44 33.56 -10.67 18.81
N LEU F 45 32.44 -9.96 19.08
CA LEU F 45 31.26 -10.56 19.67
C LEU F 45 30.59 -11.52 18.69
N GLU F 46 30.29 -12.73 19.17
CA GLU F 46 29.60 -13.74 18.37
C GLU F 46 28.40 -14.27 19.15
N TRP F 47 27.31 -14.49 18.42
CA TRP F 47 26.04 -14.95 18.97
C TRP F 47 26.15 -16.43 19.38
N VAL F 48 25.63 -16.75 20.57
CA VAL F 48 25.69 -18.10 21.12
C VAL F 48 24.33 -18.79 20.96
N SER F 49 23.30 -18.21 21.57
CA SER F 49 21.96 -18.79 21.59
C SER F 49 20.94 -17.71 21.98
N ASP F 50 19.66 -18.03 21.85
CA ASP F 50 18.59 -17.09 22.19
C ASP F 50 17.38 -17.84 22.74
N ILE F 51 16.39 -17.06 23.21
CA ILE F 51 15.12 -17.59 23.69
C ILE F 51 14.04 -16.51 23.56
N SER F 52 12.88 -16.90 23.04
CA SER F 52 11.74 -16.02 22.80
C SER F 52 11.06 -15.65 24.13
N GLN F 53 9.98 -14.87 24.03
CA GLN F 53 9.22 -14.41 25.19
C GLN F 53 8.58 -15.60 25.91
N SER F 54 7.79 -16.38 25.17
CA SER F 54 7.06 -17.52 25.73
C SER F 54 8.01 -18.65 26.12
N GLY F 55 9.11 -18.80 25.37
CA GLY F 55 10.08 -19.87 25.60
C GLY F 55 9.93 -21.04 24.66
N ALA F 56 9.01 -20.95 23.70
CA ALA F 56 8.77 -22.02 22.73
C ALA F 56 9.92 -22.07 21.70
N SER F 57 10.24 -20.92 21.11
CA SER F 57 11.23 -20.85 20.05
C SER F 57 12.63 -20.67 20.66
N ILE F 58 13.51 -21.64 20.40
CA ILE F 58 14.87 -21.66 20.90
C ILE F 58 15.80 -21.98 19.72
N SER F 59 16.96 -21.30 19.68
CA SER F 59 17.97 -21.58 18.67
C SER F 59 19.36 -21.40 19.27
N TYR F 60 20.31 -22.16 18.70
CA TYR F 60 21.69 -22.21 19.14
C TYR F 60 22.61 -21.99 17.93
N THR F 61 23.83 -21.52 18.21
CA THR F 61 24.90 -21.51 17.23
C THR F 61 25.30 -22.97 16.94
N GLY F 62 25.57 -23.25 15.66
CA GLY F 62 25.88 -24.59 15.16
C GLY F 62 26.97 -25.31 15.95
N SER F 63 28.04 -24.59 16.31
CA SER F 63 29.19 -25.18 16.99
C SER F 63 28.85 -25.63 18.41
N VAL F 64 27.77 -25.10 18.99
CA VAL F 64 27.34 -25.46 20.34
C VAL F 64 25.90 -26.00 20.33
N LYS F 65 25.40 -26.40 19.16
CA LYS F 65 24.04 -26.89 19.02
C LYS F 65 23.92 -28.29 19.62
N GLY F 66 23.04 -28.44 20.60
CA GLY F 66 22.82 -29.71 21.29
C GLY F 66 23.72 -29.91 22.49
N ARG F 67 24.58 -28.94 22.80
CA ARG F 67 25.51 -29.03 23.93
C ARG F 67 25.13 -28.09 25.08
N PHE F 68 24.30 -27.08 24.80
CA PHE F 68 23.88 -26.09 25.81
C PHE F 68 22.37 -26.11 25.94
N THR F 69 21.88 -25.68 27.11
CA THR F 69 20.45 -25.64 27.41
C THR F 69 20.11 -24.28 28.05
N ILE F 70 19.41 -23.44 27.29
CA ILE F 70 18.96 -22.14 27.75
C ILE F 70 17.51 -22.26 28.24
N SER F 71 17.20 -21.61 29.36
CA SER F 71 15.87 -21.65 29.95
C SER F 71 15.62 -20.36 30.74
N ARG F 72 14.46 -19.75 30.51
CA ARG F 72 14.08 -18.52 31.21
C ARG F 72 13.03 -18.85 32.28
N ASP F 73 13.15 -18.17 33.42
CA ASP F 73 12.23 -18.31 34.54
C ASP F 73 11.53 -16.98 34.75
N ASN F 74 10.28 -16.89 34.27
CA ASN F 74 9.49 -15.67 34.36
C ASN F 74 8.90 -15.50 35.76
N ALA F 75 8.90 -16.57 36.56
CA ALA F 75 8.36 -16.53 37.90
C ALA F 75 9.25 -15.66 38.80
N LYS F 76 10.56 -15.92 38.77
CA LYS F 76 11.52 -15.20 39.62
C LYS F 76 12.35 -14.19 38.81
N ASN F 77 12.15 -14.12 37.49
CA ASN F 77 12.84 -13.19 36.59
C ASN F 77 14.33 -13.50 36.54
N THR F 78 14.69 -14.68 36.00
CA THR F 78 16.09 -15.08 35.91
C THR F 78 16.32 -15.98 34.69
N LEU F 79 17.44 -15.75 34.01
CA LEU F 79 17.84 -16.52 32.85
C LEU F 79 18.90 -17.56 33.25
N TYR F 80 18.64 -18.82 32.90
CA TYR F 80 19.40 -19.97 33.38
C TYR F 80 20.01 -20.73 32.20
N LEU F 81 21.33 -20.84 32.19
CA LEU F 81 22.05 -21.52 31.12
C LEU F 81 22.84 -22.69 31.69
N GLN F 82 22.58 -23.89 31.15
CA GLN F 82 23.31 -25.11 31.48
C GLN F 82 24.30 -25.41 30.35
N MET F 83 25.54 -25.73 30.73
CA MET F 83 26.61 -26.02 29.77
C MET F 83 27.23 -27.37 30.10
N ASN F 84 26.98 -28.36 29.25
CA ASN F 84 27.55 -29.70 29.37
C ASN F 84 28.54 -29.93 28.24
N SER F 85 29.43 -30.90 28.44
CA SER F 85 30.45 -31.33 27.47
C SER F 85 31.31 -30.13 27.03
N LEU F 86 31.98 -29.52 28.00
CA LEU F 86 32.73 -28.28 27.79
C LEU F 86 34.01 -28.55 27.00
N LYS F 87 34.45 -27.54 26.24
CA LYS F 87 35.57 -27.64 25.33
C LYS F 87 36.59 -26.54 25.67
N PRO F 88 37.90 -26.81 25.55
CA PRO F 88 38.93 -25.78 25.71
C PRO F 88 38.80 -24.54 24.80
N GLU F 89 38.10 -24.68 23.66
CA GLU F 89 37.92 -23.58 22.71
C GLU F 89 36.70 -22.72 23.05
N ASP F 90 35.99 -23.03 24.14
CA ASP F 90 34.76 -22.31 24.52
C ASP F 90 35.02 -21.29 25.64
N THR F 91 36.29 -20.97 25.90
CA THR F 91 36.62 -19.93 26.87
C THR F 91 36.37 -18.55 26.27
N ALA F 92 35.66 -17.71 27.03
CA ALA F 92 35.25 -16.37 26.59
C ALA F 92 34.63 -15.61 27.77
N VAL F 93 34.34 -14.33 27.53
CA VAL F 93 33.52 -13.52 28.42
C VAL F 93 32.07 -13.60 27.93
N TYR F 94 31.16 -13.90 28.84
CA TYR F 94 29.75 -14.12 28.50
C TYR F 94 28.91 -12.90 28.88
N TYR F 95 28.02 -12.50 27.96
CA TYR F 95 27.15 -11.35 28.11
C TYR F 95 25.69 -11.81 28.00
N CYS F 96 24.92 -11.54 29.05
CA CYS F 96 23.47 -11.71 29.04
C CYS F 96 22.85 -10.48 28.40
N ALA F 97 22.33 -10.61 27.19
CA ALA F 97 21.83 -9.48 26.41
C ALA F 97 20.31 -9.54 26.26
N ARG F 98 19.70 -8.35 26.19
CA ARG F 98 18.27 -8.17 26.03
C ARG F 98 18.01 -7.50 24.69
N CYS F 99 16.92 -7.89 24.02
CA CYS F 99 16.49 -7.25 22.79
C CYS F 99 15.80 -5.92 23.12
N PRO F 100 16.07 -4.85 22.35
CA PRO F 100 15.61 -3.51 22.73
C PRO F 100 14.09 -3.32 22.77
N ALA F 101 13.35 -4.01 21.89
CA ALA F 101 11.91 -3.76 21.76
C ALA F 101 11.09 -4.94 22.27
N PRO F 102 9.92 -4.69 22.88
CA PRO F 102 9.01 -5.77 23.26
C PRO F 102 8.13 -6.27 22.12
N PHE F 103 7.70 -7.54 22.25
CA PHE F 103 6.75 -8.19 21.34
C PHE F 103 7.22 -8.10 19.88
N THR F 104 8.47 -8.51 19.64
CA THR F 104 9.05 -8.49 18.32
C THR F 104 9.91 -9.75 18.14
N ARG F 105 10.44 -9.91 16.93
CA ARG F 105 11.22 -11.09 16.55
C ARG F 105 12.68 -10.74 16.24
N ASP F 106 12.93 -9.53 15.73
CA ASP F 106 14.25 -9.11 15.30
C ASP F 106 14.99 -8.43 16.45
N CYS F 107 16.31 -8.58 16.46
CA CYS F 107 17.17 -7.98 17.48
C CYS F 107 18.47 -7.50 16.84
N PHE F 108 19.07 -6.45 17.43
CA PHE F 108 20.33 -5.88 16.96
C PHE F 108 21.21 -5.62 18.19
N ASP F 109 21.85 -6.66 18.69
CA ASP F 109 22.57 -6.62 19.95
C ASP F 109 23.93 -7.34 19.82
N VAL F 110 24.61 -7.11 18.71
CA VAL F 110 25.96 -7.63 18.50
C VAL F 110 26.96 -6.47 18.43
N THR F 111 26.52 -5.28 18.83
CA THR F 111 27.33 -4.07 18.73
C THR F 111 28.30 -4.00 19.90
N SER F 112 29.59 -3.97 19.60
CA SER F 112 30.64 -3.86 20.61
C SER F 112 30.79 -2.42 21.11
N THR F 113 30.26 -1.45 20.36
CA THR F 113 30.40 -0.03 20.69
C THR F 113 29.40 0.34 21.80
N THR F 114 29.67 -0.18 23.00
CA THR F 114 28.99 0.18 24.26
C THR F 114 27.47 0.06 24.11
N TYR F 115 27.02 -1.13 23.70
CA TYR F 115 25.59 -1.46 23.67
C TYR F 115 25.05 -1.48 25.10
N ALA F 116 24.02 -0.65 25.34
CA ALA F 116 23.58 -0.31 26.70
C ALA F 116 22.83 -1.45 27.39
N TYR F 117 22.27 -2.39 26.63
CA TYR F 117 21.29 -3.34 27.16
C TYR F 117 21.90 -4.72 27.44
N ARG F 118 23.20 -4.78 27.73
CA ARG F 118 23.85 -6.02 28.11
C ARG F 118 24.54 -5.86 29.46
N GLY F 119 24.68 -6.98 30.18
CA GLY F 119 25.33 -7.01 31.48
C GLY F 119 26.82 -6.78 31.38
N GLN F 120 27.46 -6.64 32.54
CA GLN F 120 28.89 -6.37 32.63
C GLN F 120 29.73 -7.57 32.20
N GLY F 121 29.18 -8.77 32.34
CA GLY F 121 29.82 -9.98 31.81
C GLY F 121 30.39 -10.86 32.91
N THR F 122 30.62 -12.13 32.57
CA THR F 122 31.27 -13.09 33.45
C THR F 122 32.33 -13.86 32.67
N GLN F 123 33.39 -14.26 33.37
CA GLN F 123 34.55 -14.91 32.76
C GLN F 123 34.38 -16.43 32.86
N VAL F 124 34.46 -17.11 31.72
CA VAL F 124 34.50 -18.57 31.67
C VAL F 124 35.79 -18.99 30.98
N THR F 125 36.59 -19.80 31.69
CA THR F 125 37.90 -20.24 31.23
C THR F 125 37.97 -21.77 31.35
N VAL F 126 38.60 -22.42 30.37
CA VAL F 126 38.81 -23.87 30.39
C VAL F 126 40.28 -24.15 30.12
#